data_5IP3
#
_entry.id   5IP3
#
_cell.length_a   68.940
_cell.length_b   86.457
_cell.length_c   66.322
_cell.angle_alpha   90.000
_cell.angle_beta   112.100
_cell.angle_gamma   90.000
#
_symmetry.space_group_name_H-M   'P 1 21 1'
#
loop_
_entity.id
_entity.type
_entity.pdbx_description
1 polymer Nucleoprotein
2 polymer "DNA (5'-D(P*TP*TP*TP*TP*T)-3')"
3 polymer "DNA (5'-D(P*TP*TP*TP*TP*TP*TP*T)-3')"
4 polymer "DNA (5'-D(P*TP*TP*TP*TP*TP*T)-3')"
#
loop_
_entity_poly.entity_id
_entity_poly.type
_entity_poly.pdbx_seq_one_letter_code
_entity_poly.pdbx_strand_id
1 'polypeptide(L)'
;MNHKHHHHHHSSGENLYFQGHMSKVKLTKENIVALLTQGKDLEFEENQNLVAFNFKTFCLENLDQIKKMSIISCLTFLKN
RQSIMKVIKQSDFTFGKITIKKTSDRIGATDMTFRRLDSLIRVRLVEETGNSENLNTIKSKIASHPLIQAYGLPLDDAKS
VRLAIMLGGSLPLIASVDSFEMISVVLAIYQDAKYKDLGIDPKKYDTKEALGKVCTVLKSKAFEMNEDQVKKGKEYAAIL
SSSNPNAKGSVAMEHYSETLNKFYEMFGVKKQAKLAELA
;
B,C,A
2 'polydeoxyribonucleotide' (DT)(DT)(DT)(DT)(DT) D
3 'polydeoxyribonucleotide' (DT)(DT)(DT)(DT)(DT)(DT)(DT) E
4 'polydeoxyribonucleotide' (DT)(DT)(DT)(DT)(DT)(DT) F
#
loop_
_chem_comp.id
_chem_comp.type
_chem_comp.name
_chem_comp.formula
DT DNA linking THYMIDINE-5'-MONOPHOSPHATE 'C10 H15 N2 O8 P'
#
# COMPACT_ATOMS: atom_id res chain seq x y z
N VAL A 25 23.91 17.74 17.93
CA VAL A 25 23.57 17.12 19.21
C VAL A 25 22.76 15.84 18.96
N LYS A 26 22.83 14.89 19.89
CA LYS A 26 21.99 13.69 19.82
C LYS A 26 20.53 14.06 19.96
N LEU A 27 19.68 13.37 19.19
CA LEU A 27 18.25 13.65 19.22
C LEU A 27 17.60 13.12 20.50
N THR A 28 17.13 14.04 21.33
CA THR A 28 16.45 13.72 22.58
C THR A 28 15.22 14.61 22.72
N LYS A 29 14.43 14.40 23.77
CA LYS A 29 13.22 15.19 23.95
C LYS A 29 13.58 16.60 24.38
N GLU A 30 14.64 16.72 25.17
CA GLU A 30 15.05 18.02 25.70
C GLU A 30 15.71 18.90 24.62
N ASN A 31 16.30 18.28 23.60
CA ASN A 31 16.90 19.04 22.52
C ASN A 31 15.82 19.56 21.55
N ILE A 32 14.70 18.86 21.48
CA ILE A 32 13.60 19.24 20.62
C ILE A 32 12.81 20.42 21.19
N VAL A 33 12.72 20.48 22.52
CA VAL A 33 12.04 21.58 23.18
C VAL A 33 12.87 22.85 23.02
N ALA A 34 14.19 22.67 22.95
CA ALA A 34 15.12 23.78 22.76
C ALA A 34 15.15 24.23 21.30
N LEU A 35 14.83 23.32 20.39
CA LEU A 35 14.76 23.64 18.97
C LEU A 35 13.63 24.62 18.69
N LEU A 36 12.49 24.39 19.35
CA LEU A 36 11.28 25.15 19.12
C LEU A 36 11.18 26.40 20.01
N THR A 37 11.93 26.41 21.10
CA THR A 37 11.83 27.50 22.09
C THR A 37 12.99 28.47 22.12
N GLN A 38 14.05 28.22 21.35
CA GLN A 38 15.23 29.06 21.41
C GLN A 38 15.58 29.65 20.04
N GLY A 39 16.09 30.88 20.03
CA GLY A 39 16.48 31.53 18.80
C GLY A 39 17.83 31.01 18.33
N LYS A 40 18.32 30.01 19.04
CA LYS A 40 19.59 29.38 18.72
C LYS A 40 19.44 28.49 17.50
N ASP A 41 20.52 28.37 16.74
CA ASP A 41 20.55 27.49 15.57
C ASP A 41 20.96 26.10 16.03
N LEU A 42 20.08 25.11 15.88
CA LEU A 42 20.36 23.76 16.33
C LEU A 42 20.39 22.72 15.22
N GLU A 43 21.23 21.70 15.39
CA GLU A 43 21.24 20.57 14.48
C GLU A 43 21.30 19.25 15.25
N PHE A 44 20.92 18.16 14.59
CA PHE A 44 20.88 16.85 15.21
C PHE A 44 21.76 15.80 14.53
N GLU A 45 21.25 15.20 13.45
CA GLU A 45 22.01 14.19 12.72
C GLU A 45 22.88 14.83 11.65
N ASN A 49 20.05 9.60 9.53
CA ASN A 49 18.82 9.20 10.19
C ASN A 49 18.58 7.69 10.10
N LEU A 50 18.54 7.15 8.89
CA LEU A 50 18.29 5.74 8.65
C LEU A 50 19.52 4.86 8.92
N VAL A 51 19.32 3.55 8.90
CA VAL A 51 20.37 2.61 9.24
C VAL A 51 21.03 1.97 8.02
N ALA A 52 22.35 2.16 7.88
CA ALA A 52 23.11 1.56 6.78
C ALA A 52 23.14 0.03 6.91
N PHE A 53 22.57 -0.63 5.92
CA PHE A 53 22.39 -2.08 5.96
C PHE A 53 23.13 -2.79 4.84
N ASN A 54 23.76 -3.90 5.19
CA ASN A 54 24.49 -4.72 4.23
C ASN A 54 24.09 -6.17 4.40
N PHE A 55 23.36 -6.71 3.43
CA PHE A 55 22.80 -8.04 3.61
C PHE A 55 23.87 -9.11 3.69
N LYS A 56 24.99 -8.93 3.01
CA LYS A 56 26.03 -9.95 3.03
C LYS A 56 26.52 -10.22 4.45
N THR A 57 26.68 -9.17 5.24
CA THR A 57 27.06 -9.32 6.64
C THR A 57 25.98 -9.99 7.45
N PHE A 58 24.74 -9.57 7.22
CA PHE A 58 23.58 -10.16 7.90
C PHE A 58 23.50 -11.64 7.59
N CYS A 59 23.83 -12.00 6.36
CA CYS A 59 23.76 -13.38 5.93
C CYS A 59 24.80 -14.21 6.66
N LEU A 60 26.02 -13.69 6.72
CA LEU A 60 27.13 -14.40 7.35
C LEU A 60 26.84 -14.72 8.81
N GLU A 61 26.05 -13.87 9.46
CA GLU A 61 25.70 -14.03 10.86
C GLU A 61 24.61 -15.06 11.03
N ASN A 62 23.46 -14.75 10.45
CA ASN A 62 22.23 -15.49 10.68
C ASN A 62 22.05 -16.78 9.87
N LEU A 63 22.95 -17.05 8.93
CA LEU A 63 22.77 -18.21 8.06
C LEU A 63 22.90 -19.51 8.84
N ASP A 64 23.75 -19.53 9.85
CA ASP A 64 23.87 -20.74 10.65
C ASP A 64 22.59 -21.11 11.38
N GLN A 65 21.82 -20.12 11.78
CA GLN A 65 20.56 -20.38 12.48
C GLN A 65 19.54 -21.01 11.53
N ILE A 66 19.63 -20.66 10.25
CA ILE A 66 18.72 -21.17 9.23
C ILE A 66 19.18 -22.55 8.72
N LYS A 67 20.43 -22.92 8.99
CA LYS A 67 20.94 -24.22 8.59
C LYS A 67 20.36 -25.30 9.49
N LYS A 68 19.72 -24.89 10.58
CA LYS A 68 19.09 -25.84 11.49
C LYS A 68 17.71 -26.30 11.02
N MET A 69 17.22 -25.68 9.95
CA MET A 69 15.97 -26.09 9.29
C MET A 69 16.16 -27.32 8.41
N SER A 70 15.08 -28.10 8.23
CA SER A 70 15.10 -29.20 7.28
C SER A 70 14.99 -28.64 5.86
N ILE A 71 15.67 -29.25 4.91
CA ILE A 71 15.60 -28.84 3.50
C ILE A 71 14.16 -28.94 2.98
N ILE A 72 13.44 -29.97 3.40
CA ILE A 72 12.03 -30.11 3.06
C ILE A 72 11.23 -28.97 3.68
N SER A 73 11.60 -28.61 4.91
CA SER A 73 10.96 -27.51 5.63
C SER A 73 11.20 -26.16 4.94
N CYS A 74 12.38 -26.01 4.35
CA CYS A 74 12.74 -24.79 3.63
C CYS A 74 11.90 -24.60 2.37
N LEU A 75 11.75 -25.68 1.60
CA LEU A 75 11.00 -25.64 0.36
C LEU A 75 9.53 -25.41 0.66
N THR A 76 9.10 -25.89 1.81
CA THR A 76 7.76 -25.65 2.32
C THR A 76 7.57 -24.17 2.62
N PHE A 77 8.61 -23.56 3.19
CA PHE A 77 8.59 -22.14 3.48
C PHE A 77 8.42 -21.36 2.18
N LEU A 78 9.21 -21.72 1.19
CA LEU A 78 9.15 -21.08 -0.12
C LEU A 78 7.78 -21.27 -0.75
N LYS A 79 7.29 -22.50 -0.72
CA LYS A 79 6.04 -22.85 -1.36
C LYS A 79 4.89 -22.08 -0.73
N ASN A 80 4.95 -21.90 0.58
CA ASN A 80 3.89 -21.22 1.33
C ASN A 80 4.21 -19.79 1.75
N ARG A 81 5.09 -19.14 0.99
CA ARG A 81 5.63 -17.82 1.34
C ARG A 81 4.58 -16.80 1.78
N GLN A 82 3.59 -16.51 0.93
CA GLN A 82 2.59 -15.50 1.27
C GLN A 82 1.75 -15.90 2.47
N SER A 83 1.40 -17.17 2.56
CA SER A 83 0.58 -17.63 3.66
C SER A 83 1.33 -17.52 4.97
N ILE A 84 2.58 -17.96 4.97
CA ILE A 84 3.41 -17.93 6.16
C ILE A 84 3.62 -16.50 6.66
N MET A 85 3.86 -15.58 5.73
CA MET A 85 4.09 -14.17 6.04
C MET A 85 2.95 -13.55 6.84
N LYS A 86 1.73 -13.79 6.36
CA LYS A 86 0.53 -13.21 6.96
C LYS A 86 0.36 -13.62 8.42
N VAL A 87 0.68 -14.89 8.71
CA VAL A 87 0.61 -15.42 10.07
C VAL A 87 1.66 -14.76 10.95
N ILE A 88 2.85 -14.59 10.40
CA ILE A 88 3.94 -13.90 11.08
C ILE A 88 3.59 -12.44 11.35
N LYS A 89 2.87 -11.85 10.40
CA LYS A 89 2.49 -10.45 10.50
C LYS A 89 1.30 -10.18 11.41
N GLN A 90 0.64 -11.23 11.89
CA GLN A 90 -0.50 -11.04 12.78
C GLN A 90 -0.02 -10.43 14.11
N SER A 91 1.17 -10.82 14.55
CA SER A 91 1.72 -10.38 15.82
C SER A 91 3.23 -10.49 15.84
N ASP A 92 3.84 -10.10 16.96
CA ASP A 92 5.26 -10.30 17.18
C ASP A 92 5.60 -11.78 17.12
N PHE A 93 6.44 -12.14 16.16
CA PHE A 93 6.78 -13.53 15.91
C PHE A 93 8.17 -13.90 16.42
N THR A 94 8.26 -14.86 17.35
CA THR A 94 9.57 -15.26 17.89
C THR A 94 9.89 -16.74 17.65
N PHE A 95 11.04 -17.01 17.03
CA PHE A 95 11.50 -18.39 16.83
C PHE A 95 12.99 -18.53 17.14
N GLY A 96 13.33 -19.42 18.06
CA GLY A 96 14.72 -19.55 18.48
C GLY A 96 15.19 -18.25 19.11
N LYS A 97 16.36 -17.78 18.70
CA LYS A 97 16.90 -16.52 19.19
C LYS A 97 16.30 -15.36 18.41
N ILE A 98 15.72 -15.68 17.26
CA ILE A 98 15.30 -14.65 16.34
C ILE A 98 13.87 -14.22 16.62
N THR A 99 13.64 -12.92 16.52
CA THR A 99 12.32 -12.35 16.65
C THR A 99 12.15 -11.33 15.53
N ILE A 100 10.99 -11.32 14.90
CA ILE A 100 10.75 -10.43 13.77
C ILE A 100 10.33 -9.06 14.30
N LYS A 101 10.01 -9.03 15.60
CA LYS A 101 9.59 -7.80 16.30
C LYS A 101 8.45 -7.05 15.63
N LYS A 102 7.66 -7.76 14.83
CA LYS A 102 6.53 -7.17 14.10
C LYS A 102 7.01 -6.02 13.21
N THR A 103 6.48 -4.82 13.44
CA THR A 103 6.80 -3.69 12.57
C THR A 103 7.06 -2.37 13.32
N SER A 104 7.16 -1.28 12.55
CA SER A 104 7.41 0.08 13.05
C SER A 104 8.76 0.28 13.78
N ASP A 105 9.00 1.54 14.18
CA ASP A 105 10.32 2.06 14.58
C ASP A 105 11.41 1.79 13.56
N ARG A 106 11.04 1.80 12.27
CA ARG A 106 11.98 1.56 11.18
C ARG A 106 12.56 0.16 11.32
N ILE A 107 13.75 -0.05 10.77
CA ILE A 107 14.41 -1.36 10.86
C ILE A 107 15.91 -1.22 11.10
N GLY A 108 16.42 -1.91 12.11
CA GLY A 108 17.83 -1.89 12.38
C GLY A 108 18.61 -2.79 11.43
N ALA A 109 19.89 -2.49 11.27
CA ALA A 109 20.78 -3.25 10.40
C ALA A 109 21.01 -4.66 10.95
N THR A 110 20.77 -4.82 12.25
CA THR A 110 20.96 -6.11 12.89
C THR A 110 19.65 -6.88 12.95
N ASP A 111 18.55 -6.16 12.72
CA ASP A 111 17.21 -6.74 12.85
C ASP A 111 16.86 -7.76 11.78
N MET A 112 15.98 -8.68 12.14
CA MET A 112 15.49 -9.70 11.21
C MET A 112 14.12 -9.35 10.66
N THR A 113 14.01 -9.38 9.34
CA THR A 113 12.79 -9.01 8.66
C THR A 113 12.24 -10.24 7.97
N PHE A 114 11.01 -10.20 7.48
CA PHE A 114 10.51 -11.36 6.76
C PHE A 114 11.32 -11.59 5.49
N ARG A 115 11.50 -10.55 4.67
CA ARG A 115 12.29 -10.66 3.45
C ARG A 115 13.72 -11.06 3.72
N ARG A 116 14.28 -10.59 4.82
CA ARG A 116 15.64 -10.97 5.18
C ARG A 116 15.65 -12.45 5.54
N LEU A 117 14.58 -12.90 6.18
CA LEU A 117 14.42 -14.30 6.52
C LEU A 117 14.26 -15.16 5.28
N ASP A 118 13.35 -14.74 4.40
CA ASP A 118 13.10 -15.44 3.14
C ASP A 118 14.37 -15.58 2.32
N SER A 119 15.13 -14.50 2.22
CA SER A 119 16.33 -14.49 1.40
C SER A 119 17.41 -15.38 1.98
N LEU A 120 17.54 -15.42 3.31
CA LEU A 120 18.46 -16.36 3.94
C LEU A 120 18.15 -17.80 3.57
N ILE A 121 16.87 -18.16 3.61
CA ILE A 121 16.43 -19.50 3.28
C ILE A 121 16.74 -19.87 1.82
N ARG A 122 16.61 -18.91 0.91
CA ARG A 122 16.94 -19.13 -0.50
C ARG A 122 18.43 -19.27 -0.69
N VAL A 123 19.19 -18.45 0.01
CA VAL A 123 20.64 -18.52 -0.06
C VAL A 123 21.09 -19.86 0.50
N ARG A 124 20.48 -20.24 1.62
CA ARG A 124 20.78 -21.52 2.23
C ARG A 124 20.51 -22.64 1.23
N LEU A 125 19.37 -22.57 0.54
CA LEU A 125 18.99 -23.63 -0.39
C LEU A 125 19.93 -23.72 -1.59
N VAL A 126 20.41 -22.57 -2.06
CA VAL A 126 21.27 -22.56 -3.24
C VAL A 126 22.62 -23.25 -2.96
N GLU A 127 23.15 -23.09 -1.74
CA GLU A 127 24.38 -23.82 -1.36
C GLU A 127 24.21 -25.34 -1.40
N GLU A 128 23.02 -25.82 -1.09
CA GLU A 128 22.78 -27.24 -1.02
C GLU A 128 22.74 -27.87 -2.40
N THR A 129 22.77 -27.03 -3.45
CA THR A 129 22.74 -27.53 -4.82
C THR A 129 24.10 -28.05 -5.26
N GLY A 130 25.07 -28.01 -4.36
CA GLY A 130 26.37 -28.61 -4.63
C GLY A 130 26.36 -30.08 -4.27
N ASN A 131 25.31 -30.51 -3.57
CA ASN A 131 25.12 -31.90 -3.17
C ASN A 131 24.08 -32.67 -4.00
N SER A 132 24.49 -33.82 -4.53
CA SER A 132 23.68 -34.58 -5.49
C SER A 132 22.33 -35.05 -4.96
N GLU A 133 22.31 -35.57 -3.73
CA GLU A 133 21.07 -36.07 -3.14
C GLU A 133 20.14 -34.91 -2.80
N ASN A 134 20.70 -33.85 -2.21
CA ASN A 134 19.94 -32.64 -1.91
C ASN A 134 19.44 -31.94 -3.19
N LEU A 135 20.29 -31.88 -4.20
CA LEU A 135 19.90 -31.32 -5.50
C LEU A 135 18.71 -32.06 -6.07
N ASN A 136 18.69 -33.37 -5.90
CA ASN A 136 17.60 -34.20 -6.42
C ASN A 136 16.27 -33.99 -5.67
N THR A 137 16.29 -33.88 -4.34
CA THR A 137 15.06 -33.69 -3.57
C THR A 137 14.41 -32.34 -3.82
N ILE A 138 15.23 -31.29 -3.86
CA ILE A 138 14.75 -29.94 -4.14
C ILE A 138 14.14 -29.88 -5.53
N LYS A 139 14.90 -30.37 -6.50
CA LYS A 139 14.48 -30.39 -7.90
C LYS A 139 13.11 -31.06 -8.06
N SER A 140 12.89 -32.14 -7.33
CA SER A 140 11.60 -32.83 -7.36
C SER A 140 10.51 -32.05 -6.63
N LYS A 141 10.85 -31.51 -5.46
CA LYS A 141 9.89 -30.83 -4.60
C LYS A 141 9.47 -29.45 -5.11
N ILE A 142 10.43 -28.73 -5.70
CA ILE A 142 10.19 -27.38 -6.18
C ILE A 142 9.47 -27.34 -7.54
N ALA A 143 9.37 -28.49 -8.19
CA ALA A 143 8.72 -28.57 -9.50
C ALA A 143 7.23 -28.26 -9.45
N SER A 144 6.62 -28.38 -8.26
CA SER A 144 5.20 -28.15 -8.12
C SER A 144 4.83 -26.77 -7.59
N HIS A 145 5.81 -25.92 -7.33
CA HIS A 145 5.53 -24.58 -6.82
C HIS A 145 4.88 -23.70 -7.88
N PRO A 146 3.92 -22.85 -7.46
CA PRO A 146 3.15 -21.97 -8.33
C PRO A 146 4.00 -21.02 -9.18
N LEU A 147 5.03 -20.42 -8.60
CA LEU A 147 5.90 -19.51 -9.34
C LEU A 147 6.70 -20.27 -10.39
N ILE A 148 7.15 -21.46 -10.02
CA ILE A 148 7.75 -22.37 -10.99
C ILE A 148 6.53 -22.76 -11.83
N GLN A 149 6.71 -23.27 -13.04
CA GLN A 149 5.62 -23.58 -13.97
C GLN A 149 5.06 -22.30 -14.58
N ALA A 150 5.03 -21.22 -13.82
CA ALA A 150 4.64 -19.92 -14.37
C ALA A 150 5.75 -19.43 -15.30
N TYR A 151 6.98 -19.77 -14.95
CA TYR A 151 8.11 -19.45 -15.79
C TYR A 151 8.35 -20.51 -16.85
N GLY A 152 7.78 -21.70 -16.64
CA GLY A 152 8.04 -22.81 -17.54
C GLY A 152 9.51 -23.14 -17.49
N LEU A 153 10.08 -22.98 -16.32
CA LEU A 153 11.51 -23.18 -16.13
C LEU A 153 11.84 -24.66 -16.20
N PRO A 154 12.80 -25.04 -17.05
CA PRO A 154 13.19 -26.45 -17.08
C PRO A 154 14.14 -26.78 -15.95
N LEU A 155 13.92 -27.88 -15.24
CA LEU A 155 14.80 -28.23 -14.14
C LEU A 155 15.69 -29.41 -14.49
N ASP A 156 16.83 -29.13 -15.10
CA ASP A 156 17.74 -30.18 -15.47
C ASP A 156 18.97 -30.11 -14.61
N ASP A 157 19.75 -29.05 -14.78
CA ASP A 157 21.01 -28.96 -14.09
C ASP A 157 20.93 -28.10 -12.84
N ALA A 158 22.05 -28.00 -12.14
CA ALA A 158 22.10 -27.31 -10.87
C ALA A 158 21.78 -25.83 -11.04
N LYS A 159 22.31 -25.23 -12.11
CA LYS A 159 22.13 -23.81 -12.32
C LYS A 159 20.67 -23.45 -12.54
N SER A 160 19.93 -24.36 -13.15
CA SER A 160 18.52 -24.13 -13.41
C SER A 160 17.72 -24.17 -12.10
N VAL A 161 18.16 -25.03 -11.19
CA VAL A 161 17.47 -25.20 -9.91
C VAL A 161 17.69 -23.99 -9.03
N ARG A 162 18.87 -23.39 -9.12
CA ARG A 162 19.18 -22.18 -8.38
C ARG A 162 18.25 -21.06 -8.82
N LEU A 163 18.05 -20.95 -10.12
CA LEU A 163 17.11 -19.98 -10.67
C LEU A 163 15.70 -20.16 -10.10
N ALA A 164 15.29 -21.41 -9.90
CA ALA A 164 13.98 -21.68 -9.32
C ALA A 164 13.90 -21.22 -7.87
N ILE A 165 14.96 -21.49 -7.12
CA ILE A 165 15.06 -21.06 -5.73
C ILE A 165 15.02 -19.54 -5.68
N MET A 166 15.58 -18.96 -6.74
CA MET A 166 15.70 -17.53 -6.89
C MET A 166 14.35 -16.85 -7.11
N LEU A 167 13.41 -17.59 -7.69
CA LEU A 167 12.15 -17.00 -8.12
C LEU A 167 11.31 -16.56 -6.93
N GLY A 168 10.94 -15.29 -6.93
CA GLY A 168 10.10 -14.73 -5.89
C GLY A 168 10.92 -14.10 -4.79
N GLY A 169 12.24 -14.28 -4.86
CA GLY A 169 13.12 -13.75 -3.84
C GLY A 169 13.44 -12.28 -4.03
N SER A 170 13.96 -11.65 -2.98
CA SER A 170 14.34 -10.26 -3.05
C SER A 170 15.70 -10.16 -3.74
N LEU A 171 15.67 -9.84 -5.03
CA LEU A 171 16.91 -9.78 -5.79
C LEU A 171 17.89 -8.73 -5.24
N PRO A 172 17.41 -7.55 -4.81
CA PRO A 172 18.36 -6.59 -4.25
C PRO A 172 19.06 -7.08 -2.97
N LEU A 173 18.37 -7.82 -2.13
CA LEU A 173 18.98 -8.38 -0.93
C LEU A 173 19.99 -9.47 -1.26
N ILE A 174 19.57 -10.45 -2.03
CA ILE A 174 20.41 -11.61 -2.30
C ILE A 174 21.66 -11.29 -3.14
N ALA A 175 21.59 -10.25 -3.96
CA ALA A 175 22.69 -9.91 -4.86
C ALA A 175 23.98 -9.52 -4.15
N SER A 176 23.89 -9.01 -2.93
CA SER A 176 25.07 -8.56 -2.20
C SER A 176 25.90 -9.72 -1.71
N VAL A 177 25.28 -10.89 -1.62
CA VAL A 177 25.99 -12.09 -1.21
C VAL A 177 26.91 -12.52 -2.35
N ASP A 178 28.13 -12.95 -1.99
CA ASP A 178 29.15 -13.30 -2.98
C ASP A 178 28.70 -14.41 -3.92
N SER A 179 29.06 -14.27 -5.19
CA SER A 179 28.75 -15.20 -6.28
C SER A 179 27.27 -15.20 -6.73
N PHE A 180 26.41 -14.47 -6.02
CA PHE A 180 24.99 -14.37 -6.37
C PHE A 180 24.69 -13.17 -7.23
N GLU A 181 25.72 -12.42 -7.60
CA GLU A 181 25.53 -11.19 -8.36
C GLU A 181 24.90 -11.42 -9.72
N MET A 182 25.48 -12.34 -10.49
CA MET A 182 25.04 -12.57 -11.86
C MET A 182 23.64 -13.19 -11.96
N ILE A 183 23.39 -14.17 -11.12
CA ILE A 183 22.10 -14.84 -11.14
C ILE A 183 20.99 -13.85 -10.77
N SER A 184 21.34 -12.85 -9.96
CA SER A 184 20.38 -11.83 -9.55
C SER A 184 20.06 -10.86 -10.67
N VAL A 185 21.11 -10.32 -11.28
CA VAL A 185 20.94 -9.27 -12.27
C VAL A 185 20.41 -9.83 -13.60
N VAL A 186 20.77 -11.06 -13.91
CA VAL A 186 20.28 -11.72 -15.11
C VAL A 186 18.79 -12.03 -14.97
N LEU A 187 18.41 -12.57 -13.82
CA LEU A 187 16.99 -12.80 -13.54
C LEU A 187 16.22 -11.47 -13.46
N ALA A 188 16.88 -10.43 -12.97
CA ALA A 188 16.26 -9.11 -12.86
C ALA A 188 15.94 -8.53 -14.24
N ILE A 189 16.88 -8.68 -15.17
CA ILE A 189 16.69 -8.24 -16.55
C ILE A 189 15.61 -9.07 -17.25
N TYR A 190 15.67 -10.39 -17.06
CA TYR A 190 14.68 -11.28 -17.66
C TYR A 190 13.28 -10.94 -17.22
N GLN A 191 13.15 -10.59 -15.94
CA GLN A 191 11.85 -10.23 -15.39
C GLN A 191 11.44 -8.90 -15.98
N ASP A 192 12.43 -8.09 -16.33
CA ASP A 192 12.20 -6.78 -16.92
C ASP A 192 11.77 -6.87 -18.39
N ALA A 193 12.36 -7.82 -19.12
CA ALA A 193 12.02 -8.03 -20.53
C ALA A 193 10.67 -8.71 -20.65
N LYS A 194 10.45 -9.73 -19.83
CA LYS A 194 9.28 -10.59 -19.94
C LYS A 194 8.19 -10.30 -18.90
N TYR A 195 8.17 -9.10 -18.33
CA TYR A 195 7.21 -8.80 -17.26
C TYR A 195 5.74 -8.95 -17.70
N LYS A 196 5.44 -8.67 -18.97
CA LYS A 196 4.10 -8.91 -19.50
C LYS A 196 3.78 -10.40 -19.60
N ASP A 197 4.68 -11.17 -20.20
CA ASP A 197 4.48 -12.60 -20.34
C ASP A 197 4.34 -13.27 -18.97
N LEU A 198 4.99 -12.70 -17.97
CA LEU A 198 5.01 -13.28 -16.62
C LEU A 198 3.81 -12.82 -15.79
N GLY A 199 2.95 -12.00 -16.39
CA GLY A 199 1.78 -11.49 -15.70
C GLY A 199 2.12 -10.64 -14.49
N ILE A 200 3.23 -9.91 -14.58
CA ILE A 200 3.69 -9.08 -13.48
C ILE A 200 3.03 -7.70 -13.55
N ASP A 201 2.34 -7.33 -12.49
CA ASP A 201 1.68 -6.03 -12.40
C ASP A 201 2.69 -4.91 -12.14
N PRO A 202 2.84 -4.00 -13.11
CA PRO A 202 3.80 -2.89 -13.03
C PRO A 202 3.57 -1.96 -11.85
N LYS A 203 2.37 -1.99 -11.31
CA LYS A 203 2.01 -1.15 -10.17
C LYS A 203 2.45 -1.80 -8.87
N LYS A 204 2.38 -3.13 -8.82
CA LYS A 204 2.77 -3.86 -7.61
C LYS A 204 4.27 -4.13 -7.59
N TYR A 205 4.88 -4.30 -8.76
CA TYR A 205 6.31 -4.58 -8.82
C TYR A 205 6.97 -3.85 -9.99
N ASP A 206 7.69 -2.75 -9.70
CA ASP A 206 8.33 -2.00 -10.78
C ASP A 206 9.59 -2.73 -11.20
N THR A 207 9.52 -3.36 -12.37
CA THR A 207 10.54 -4.30 -12.80
C THR A 207 11.81 -3.58 -13.26
N LYS A 208 11.67 -2.30 -13.61
CA LYS A 208 12.82 -1.45 -13.90
C LYS A 208 13.50 -1.05 -12.60
N GLU A 209 12.70 -0.63 -11.62
CA GLU A 209 13.23 -0.22 -10.32
C GLU A 209 14.02 -1.33 -9.67
N ALA A 210 13.47 -2.55 -9.76
CA ALA A 210 14.09 -3.73 -9.18
C ALA A 210 15.45 -4.04 -9.80
N LEU A 211 15.55 -3.98 -11.12
CA LEU A 211 16.84 -4.16 -11.76
C LEU A 211 17.76 -3.03 -11.31
N GLY A 212 17.18 -1.84 -11.19
CA GLY A 212 17.93 -0.66 -10.77
C GLY A 212 18.54 -0.79 -9.40
N LYS A 213 17.82 -1.39 -8.46
CA LYS A 213 18.33 -1.60 -7.12
C LYS A 213 19.45 -2.62 -7.08
N VAL A 214 19.32 -3.68 -7.88
CA VAL A 214 20.32 -4.75 -7.92
C VAL A 214 21.69 -4.21 -8.34
N CYS A 215 21.70 -3.38 -9.38
CA CYS A 215 22.95 -2.79 -9.87
C CYS A 215 23.61 -1.85 -8.86
N THR A 216 22.79 -1.10 -8.12
CA THR A 216 23.29 -0.27 -7.03
C THR A 216 24.04 -1.11 -6.02
N VAL A 217 23.45 -2.26 -5.67
CA VAL A 217 24.09 -3.19 -4.75
C VAL A 217 25.38 -3.73 -5.34
N LEU A 218 25.35 -4.10 -6.60
CA LEU A 218 26.55 -4.63 -7.24
C LEU A 218 27.62 -3.58 -7.37
N LYS A 219 27.19 -2.35 -7.65
CA LYS A 219 28.14 -1.27 -7.82
C LYS A 219 28.75 -0.86 -6.47
N SER A 220 27.97 -1.01 -5.41
CA SER A 220 28.40 -0.63 -4.07
C SER A 220 29.52 -1.53 -3.52
N LYS A 221 29.57 -2.77 -3.97
CA LYS A 221 30.63 -3.69 -3.57
C LYS A 221 31.75 -3.71 -4.60
N ALA A 222 31.65 -2.81 -5.58
CA ALA A 222 32.60 -2.73 -6.69
C ALA A 222 32.71 -4.02 -7.48
N PHE A 223 31.56 -4.62 -7.78
CA PHE A 223 31.52 -5.85 -8.56
C PHE A 223 31.82 -5.57 -10.02
N GLU A 224 32.80 -6.29 -10.57
CA GLU A 224 33.15 -6.10 -11.98
C GLU A 224 32.80 -7.33 -12.81
N MET A 225 32.14 -7.09 -13.93
CA MET A 225 31.71 -8.17 -14.80
C MET A 225 32.77 -8.47 -15.86
N ASN A 226 33.69 -9.35 -15.50
CA ASN A 226 34.73 -9.80 -16.42
C ASN A 226 34.20 -10.93 -17.29
N GLU A 227 35.04 -11.47 -18.16
CA GLU A 227 34.61 -12.50 -19.10
C GLU A 227 34.06 -13.75 -18.40
N ASP A 228 34.60 -14.09 -17.23
CA ASP A 228 34.12 -15.25 -16.49
C ASP A 228 32.70 -15.04 -15.98
N GLN A 229 32.47 -13.87 -15.39
CA GLN A 229 31.16 -13.54 -14.84
C GLN A 229 30.11 -13.40 -15.95
N VAL A 230 30.49 -12.75 -17.04
CA VAL A 230 29.58 -12.58 -18.17
C VAL A 230 29.26 -13.95 -18.78
N LYS A 231 30.29 -14.79 -18.88
CA LYS A 231 30.09 -16.15 -19.35
C LYS A 231 29.17 -16.91 -18.38
N LYS A 232 29.38 -16.72 -17.08
CA LYS A 232 28.51 -17.34 -16.08
C LYS A 232 27.08 -16.82 -16.18
N GLY A 233 26.94 -15.52 -16.44
CA GLY A 233 25.63 -14.93 -16.62
C GLY A 233 24.90 -15.52 -17.80
N LYS A 234 25.63 -15.78 -18.88
CA LYS A 234 25.05 -16.35 -20.09
C LYS A 234 24.53 -17.78 -19.90
N GLU A 235 25.19 -18.55 -19.03
CA GLU A 235 24.75 -19.91 -18.70
C GLU A 235 23.35 -19.90 -18.08
N TYR A 236 23.09 -18.92 -17.22
CA TYR A 236 21.78 -18.71 -16.63
C TYR A 236 20.79 -18.19 -17.66
N ALA A 237 21.22 -17.23 -18.46
CA ALA A 237 20.34 -16.59 -19.45
C ALA A 237 19.85 -17.59 -20.49
N ALA A 238 20.69 -18.57 -20.80
CA ALA A 238 20.35 -19.62 -21.73
C ALA A 238 19.14 -20.37 -21.22
N ILE A 239 19.16 -20.67 -19.92
CA ILE A 239 18.08 -21.39 -19.27
C ILE A 239 16.77 -20.60 -19.33
N LEU A 240 16.86 -19.28 -19.24
CA LEU A 240 15.67 -18.44 -19.29
C LEU A 240 15.04 -18.33 -20.69
N SER A 241 15.84 -18.34 -21.75
CA SER A 241 15.27 -18.31 -23.10
C SER A 241 14.48 -19.58 -23.40
N SER A 242 15.02 -20.70 -22.94
CA SER A 242 14.40 -22.00 -23.15
C SER A 242 13.19 -22.21 -22.25
N SER A 243 12.98 -21.28 -21.32
CA SER A 243 11.84 -21.38 -20.42
C SER A 243 10.58 -21.04 -21.20
N ASN A 244 9.44 -21.50 -20.68
CA ASN A 244 8.16 -21.25 -21.34
C ASN A 244 7.24 -20.41 -20.45
N PRO A 245 7.45 -19.08 -20.47
CA PRO A 245 6.79 -18.12 -19.57
C PRO A 245 5.28 -18.09 -19.74
N ASN A 246 4.57 -18.08 -18.62
CA ASN A 246 3.11 -18.12 -18.60
C ASN A 246 2.54 -17.07 -17.67
N ALA A 247 1.69 -16.20 -18.21
CA ALA A 247 1.04 -15.19 -17.39
C ALA A 247 0.09 -15.85 -16.39
N LYS A 248 -0.47 -15.03 -15.51
CA LYS A 248 -1.40 -15.49 -14.48
C LYS A 248 -0.70 -16.47 -13.51
N GLY A 249 -1.25 -17.66 -13.38
CA GLY A 249 -0.80 -18.57 -12.34
C GLY A 249 -1.18 -18.02 -10.97
N SER A 250 -2.38 -17.45 -10.89
CA SER A 250 -2.93 -16.96 -9.63
C SER A 250 -3.66 -18.09 -8.90
N VAL A 251 -4.54 -17.74 -7.97
CA VAL A 251 -5.30 -18.76 -7.26
C VAL A 251 -6.74 -18.80 -7.81
N ALA A 252 -6.83 -19.10 -9.11
CA ALA A 252 -8.11 -19.43 -9.71
C ALA A 252 -8.05 -20.90 -10.13
N MET A 253 -8.81 -21.74 -9.43
CA MET A 253 -8.84 -23.16 -9.72
C MET A 253 -9.12 -23.42 -11.19
N GLU A 254 -8.65 -24.57 -11.65
CA GLU A 254 -8.96 -25.10 -12.98
C GLU A 254 -10.47 -25.35 -13.07
N HIS A 255 -11.08 -25.44 -11.89
CA HIS A 255 -12.51 -25.47 -11.71
C HIS A 255 -13.11 -24.06 -11.76
N TYR A 256 -12.33 -23.06 -11.35
CA TYR A 256 -12.80 -21.67 -11.25
C TYR A 256 -12.53 -20.81 -12.49
N SER A 257 -11.46 -21.12 -13.23
CA SER A 257 -11.14 -20.35 -14.44
C SER A 257 -12.29 -20.36 -15.46
N GLU A 258 -12.91 -21.52 -15.63
CA GLU A 258 -14.02 -21.67 -16.57
C GLU A 258 -15.22 -20.81 -16.22
N THR A 259 -15.50 -20.66 -14.92
CA THR A 259 -16.70 -19.97 -14.48
C THR A 259 -16.47 -18.47 -14.35
N LEU A 260 -15.28 -18.08 -13.89
CA LEU A 260 -14.91 -16.67 -13.75
C LEU A 260 -15.03 -15.94 -15.09
N ASN A 261 -14.45 -16.52 -16.12
CA ASN A 261 -14.41 -15.90 -17.44
C ASN A 261 -15.75 -15.86 -18.16
N LYS A 262 -16.72 -16.63 -17.69
CA LYS A 262 -18.04 -16.53 -18.29
C LYS A 262 -18.64 -15.20 -17.88
N PHE A 263 -18.31 -14.79 -16.65
CA PHE A 263 -18.87 -13.56 -16.08
C PHE A 263 -18.19 -12.31 -16.60
N TYR A 264 -16.86 -12.38 -16.74
CA TYR A 264 -16.14 -11.31 -17.40
C TYR A 264 -16.77 -11.06 -18.78
N GLU A 265 -17.07 -12.14 -19.50
CA GLU A 265 -17.79 -12.03 -20.76
C GLU A 265 -19.20 -11.48 -20.55
N MET A 266 -19.86 -11.88 -19.45
CA MET A 266 -21.16 -11.32 -19.12
C MET A 266 -21.03 -9.80 -18.96
N PHE A 267 -19.91 -9.36 -18.41
CA PHE A 267 -19.59 -7.95 -18.34
C PHE A 267 -18.77 -7.54 -19.56
N GLY A 268 -18.52 -8.52 -20.44
CA GLY A 268 -17.77 -8.30 -21.67
C GLY A 268 -16.32 -7.92 -21.44
N VAL A 269 -15.73 -8.42 -20.37
CA VAL A 269 -14.35 -8.05 -20.02
C VAL A 269 -13.41 -9.25 -19.97
N LYS A 270 -13.66 -10.24 -20.82
CA LYS A 270 -12.77 -11.40 -20.91
C LYS A 270 -12.08 -11.44 -22.27
N LYS A 271 -10.79 -11.75 -22.23
CA LYS A 271 -9.99 -11.86 -23.45
C LYS A 271 -9.83 -13.32 -23.89
N GLN A 272 -10.47 -14.23 -23.14
CA GLN A 272 -10.33 -15.68 -23.32
C GLN A 272 -10.92 -16.16 -24.66
N ALA A 273 -10.24 -17.11 -25.30
CA ALA A 273 -10.68 -17.66 -26.59
C ALA A 273 -9.92 -18.95 -26.86
N SER B 23 4.14 -35.79 8.51
CA SER B 23 4.89 -34.75 7.83
C SER B 23 4.01 -33.55 7.48
N LYS B 24 2.86 -33.81 6.87
CA LYS B 24 1.97 -32.74 6.43
C LYS B 24 1.17 -32.19 7.61
N VAL B 25 1.31 -30.90 7.87
CA VAL B 25 0.74 -30.27 9.06
C VAL B 25 -0.09 -29.02 8.73
N LYS B 26 -1.05 -28.68 9.58
CA LYS B 26 -1.81 -27.43 9.46
C LYS B 26 -0.92 -26.21 9.62
N LEU B 27 -1.14 -25.17 8.83
CA LEU B 27 -0.37 -23.93 8.95
C LEU B 27 -0.81 -23.07 10.14
N THR B 28 0.01 -23.03 11.18
CA THR B 28 -0.28 -22.21 12.36
C THR B 28 0.99 -21.51 12.82
N LYS B 29 0.87 -20.69 13.85
CA LYS B 29 2.01 -19.92 14.33
C LYS B 29 3.00 -20.83 15.04
N GLU B 30 2.51 -21.83 15.77
CA GLU B 30 3.39 -22.76 16.47
C GLU B 30 4.03 -23.73 15.48
N ASN B 31 3.37 -23.94 14.34
CA ASN B 31 3.91 -24.81 13.31
C ASN B 31 5.01 -24.14 12.51
N ILE B 32 4.95 -22.81 12.43
CA ILE B 32 5.97 -22.07 11.70
C ILE B 32 7.23 -21.99 12.56
N VAL B 33 7.06 -21.92 13.87
CA VAL B 33 8.21 -21.90 14.78
C VAL B 33 8.88 -23.26 14.78
N ALA B 34 8.09 -24.31 14.59
CA ALA B 34 8.62 -25.67 14.54
C ALA B 34 9.29 -25.93 13.19
N LEU B 35 8.83 -25.22 12.18
CA LEU B 35 9.42 -25.31 10.85
C LEU B 35 10.84 -24.76 10.85
N LEU B 36 11.00 -23.64 11.55
CA LEU B 36 12.26 -22.89 11.55
C LEU B 36 13.25 -23.34 12.62
N THR B 37 12.75 -23.97 13.67
CA THR B 37 13.60 -24.32 14.81
C THR B 37 13.89 -25.82 14.93
N GLN B 38 13.27 -26.65 14.11
CA GLN B 38 13.44 -28.08 14.21
C GLN B 38 13.94 -28.68 12.90
N GLY B 39 14.82 -29.66 12.99
CA GLY B 39 15.36 -30.30 11.79
C GLY B 39 14.42 -31.33 11.21
N LYS B 40 13.23 -31.43 11.77
CA LYS B 40 12.22 -32.36 11.28
C LYS B 40 11.63 -31.82 9.98
N ASP B 41 11.18 -32.74 9.13
CA ASP B 41 10.58 -32.38 7.86
C ASP B 41 9.09 -32.10 7.99
N LEU B 42 8.70 -30.86 7.73
CA LEU B 42 7.29 -30.49 7.83
C LEU B 42 6.77 -30.01 6.48
N GLU B 43 5.51 -30.34 6.21
CA GLU B 43 4.82 -29.84 5.02
C GLU B 43 3.40 -29.40 5.39
N PHE B 44 2.75 -28.67 4.49
CA PHE B 44 1.44 -28.10 4.79
C PHE B 44 0.34 -28.63 3.86
N GLU B 45 0.39 -28.19 2.59
CA GLU B 45 -0.57 -28.57 1.55
C GLU B 45 -2.02 -28.18 1.87
N GLU B 46 -2.35 -26.92 1.63
CA GLU B 46 -3.69 -26.38 1.87
C GLU B 46 -4.73 -27.04 0.95
N ASN B 54 -12.14 -19.96 11.41
CA ASN B 54 -13.01 -19.52 10.33
C ASN B 54 -13.88 -18.34 10.76
N PHE B 55 -13.99 -17.33 9.90
CA PHE B 55 -14.88 -16.21 10.17
C PHE B 55 -16.36 -16.63 10.22
N LYS B 56 -16.73 -17.67 9.48
CA LYS B 56 -18.08 -18.18 9.55
C LYS B 56 -18.40 -18.58 10.98
N THR B 57 -17.42 -19.21 11.62
CA THR B 57 -17.54 -19.59 13.01
C THR B 57 -17.62 -18.33 13.87
N PHE B 58 -16.80 -17.35 13.51
CA PHE B 58 -16.80 -16.05 14.18
C PHE B 58 -18.19 -15.43 14.00
N CYS B 59 -18.76 -15.63 12.82
CA CYS B 59 -20.05 -15.06 12.49
C CYS B 59 -21.15 -15.63 13.38
N LEU B 60 -21.19 -16.95 13.50
CA LEU B 60 -22.24 -17.60 14.29
C LEU B 60 -22.26 -17.14 15.74
N GLU B 61 -21.09 -16.74 16.25
CA GLU B 61 -21.00 -16.31 17.64
C GLU B 61 -21.49 -14.88 17.86
N ASN B 62 -20.79 -13.92 17.27
CA ASN B 62 -21.03 -12.52 17.57
C ASN B 62 -22.20 -11.90 16.82
N LEU B 63 -22.77 -12.65 15.87
CA LEU B 63 -23.87 -12.10 15.06
C LEU B 63 -25.08 -11.83 15.92
N ASP B 64 -25.31 -12.68 16.91
CA ASP B 64 -26.42 -12.53 17.85
C ASP B 64 -26.33 -11.23 18.64
N GLN B 65 -25.10 -10.76 18.88
CA GLN B 65 -24.87 -9.49 19.57
C GLN B 65 -25.32 -8.32 18.68
N ILE B 66 -25.15 -8.49 17.37
CA ILE B 66 -25.49 -7.47 16.39
C ILE B 66 -26.97 -7.54 15.98
N LYS B 67 -27.64 -8.65 16.30
CA LYS B 67 -29.05 -8.81 15.93
C LYS B 67 -29.98 -7.96 16.79
N LYS B 68 -29.45 -7.41 17.88
CA LYS B 68 -30.24 -6.53 18.74
C LYS B 68 -30.29 -5.12 18.18
N MET B 69 -29.52 -4.87 17.13
CA MET B 69 -29.54 -3.59 16.47
C MET B 69 -30.81 -3.39 15.66
N SER B 70 -31.20 -2.14 15.50
CA SER B 70 -32.32 -1.82 14.65
C SER B 70 -31.87 -1.96 13.20
N ILE B 71 -32.76 -2.44 12.34
CA ILE B 71 -32.43 -2.51 10.92
C ILE B 71 -32.08 -1.12 10.41
N ILE B 72 -32.81 -0.12 10.89
CA ILE B 72 -32.52 1.28 10.54
C ILE B 72 -31.14 1.69 11.05
N SER B 73 -30.80 1.23 12.25
CA SER B 73 -29.51 1.51 12.83
C SER B 73 -28.41 0.85 12.00
N CYS B 74 -28.71 -0.31 11.44
CA CYS B 74 -27.79 -1.03 10.58
C CYS B 74 -27.52 -0.26 9.31
N LEU B 75 -28.60 0.24 8.70
CA LEU B 75 -28.49 0.97 7.45
C LEU B 75 -27.78 2.30 7.66
N THR B 76 -27.91 2.86 8.85
CA THR B 76 -27.17 4.06 9.24
C THR B 76 -25.67 3.76 9.27
N PHE B 77 -25.34 2.59 9.79
CA PHE B 77 -23.95 2.15 9.86
C PHE B 77 -23.32 2.07 8.46
N LEU B 78 -24.03 1.43 7.54
CA LEU B 78 -23.55 1.32 6.16
C LEU B 78 -23.42 2.68 5.50
N LYS B 79 -24.44 3.53 5.66
CA LYS B 79 -24.45 4.83 5.03
C LYS B 79 -23.27 5.65 5.51
N ASN B 80 -23.02 5.59 6.80
CA ASN B 80 -21.98 6.40 7.45
C ASN B 80 -20.72 5.61 7.75
N ARG B 81 -20.48 4.57 6.96
CA ARG B 81 -19.35 3.66 7.17
C ARG B 81 -18.01 4.35 7.40
N GLN B 82 -17.60 5.16 6.42
CA GLN B 82 -16.30 5.82 6.44
C GLN B 82 -16.10 6.80 7.61
N SER B 83 -17.15 7.57 7.91
CA SER B 83 -17.10 8.53 9.00
C SER B 83 -17.06 7.86 10.38
N ILE B 84 -17.90 6.85 10.55
CA ILE B 84 -17.95 6.11 11.81
C ILE B 84 -16.61 5.45 12.09
N MET B 85 -15.99 4.92 11.04
CA MET B 85 -14.69 4.26 11.13
C MET B 85 -13.63 5.17 11.75
N LYS B 86 -13.52 6.42 11.26
CA LYS B 86 -12.53 7.36 11.78
C LYS B 86 -12.72 7.60 13.28
N VAL B 87 -13.97 7.72 13.71
CA VAL B 87 -14.27 7.88 15.12
C VAL B 87 -13.86 6.64 15.90
N ILE B 88 -14.11 5.47 15.33
CA ILE B 88 -13.70 4.21 15.94
C ILE B 88 -12.18 4.07 16.00
N LYS B 89 -11.48 4.54 14.96
CA LYS B 89 -10.01 4.43 14.88
C LYS B 89 -9.29 5.49 15.70
N GLN B 90 -10.08 6.40 16.27
CA GLN B 90 -9.60 7.49 17.10
C GLN B 90 -8.90 6.97 18.36
N SER B 91 -9.43 5.89 18.93
CA SER B 91 -8.91 5.31 20.16
C SER B 91 -9.38 3.86 20.27
N ASP B 92 -8.99 3.18 21.34
CA ASP B 92 -9.55 1.86 21.62
C ASP B 92 -11.06 2.01 21.78
N PHE B 93 -11.81 1.38 20.89
CA PHE B 93 -13.25 1.58 20.85
C PHE B 93 -13.96 0.41 21.51
N THR B 94 -14.68 0.69 22.59
CA THR B 94 -15.35 -0.34 23.35
C THR B 94 -16.87 -0.14 23.41
N PHE B 95 -17.61 -1.15 23.00
CA PHE B 95 -19.07 -1.13 23.10
C PHE B 95 -19.60 -2.47 23.60
N GLY B 96 -20.35 -2.44 24.69
CA GLY B 96 -20.80 -3.64 25.37
C GLY B 96 -19.60 -4.39 25.94
N LYS B 97 -19.54 -5.70 25.72
CA LYS B 97 -18.41 -6.50 26.17
C LYS B 97 -17.27 -6.46 25.16
N ILE B 98 -17.61 -6.01 23.95
CA ILE B 98 -16.70 -6.03 22.81
C ILE B 98 -15.86 -4.75 22.67
N THR B 99 -14.57 -4.90 22.36
CA THR B 99 -13.71 -3.73 22.15
C THR B 99 -12.72 -3.81 20.98
N ILE B 100 -12.72 -2.75 20.17
CA ILE B 100 -11.80 -2.62 19.03
C ILE B 100 -10.53 -1.88 19.45
N LYS B 101 -9.38 -2.54 19.38
CA LYS B 101 -8.13 -1.91 19.81
C LYS B 101 -7.63 -0.84 18.86
N LYS B 102 -7.18 -1.27 17.68
CA LYS B 102 -6.61 -0.37 16.68
C LYS B 102 -5.41 0.39 17.25
N ARG B 106 -2.00 -6.70 18.66
CA ARG B 106 -2.27 -7.91 17.89
C ARG B 106 -3.74 -8.31 17.97
N ILE B 107 -4.20 -9.11 17.00
CA ILE B 107 -5.59 -9.53 16.97
C ILE B 107 -5.79 -11.04 17.19
N GLY B 108 -6.66 -11.36 18.14
CA GLY B 108 -7.03 -12.73 18.41
C GLY B 108 -8.05 -13.22 17.41
N ALA B 109 -8.19 -14.54 17.30
CA ALA B 109 -9.18 -15.11 16.39
C ALA B 109 -10.58 -14.76 16.89
N THR B 110 -10.68 -14.47 18.18
CA THR B 110 -11.97 -14.13 18.78
C THR B 110 -12.17 -12.61 18.89
N ASP B 111 -11.09 -11.84 18.73
CA ASP B 111 -11.17 -10.38 18.90
C ASP B 111 -12.02 -9.75 17.82
N MET B 112 -12.63 -8.61 18.12
CA MET B 112 -13.48 -7.93 17.15
C MET B 112 -12.77 -6.77 16.49
N THR B 113 -12.83 -6.75 15.16
CA THR B 113 -12.18 -5.74 14.34
C THR B 113 -13.27 -4.93 13.65
N PHE B 114 -12.91 -3.80 13.06
CA PHE B 114 -13.91 -2.98 12.39
C PHE B 114 -14.58 -3.72 11.23
N ARG B 115 -13.77 -4.32 10.37
CA ARG B 115 -14.27 -5.07 9.22
C ARG B 115 -15.17 -6.22 9.65
N ARG B 116 -14.82 -6.83 10.77
CA ARG B 116 -15.61 -7.94 11.28
C ARG B 116 -16.98 -7.44 11.70
N LEU B 117 -17.03 -6.24 12.25
CA LEU B 117 -18.29 -5.62 12.63
C LEU B 117 -19.12 -5.27 11.39
N ASP B 118 -18.48 -4.61 10.43
CA ASP B 118 -19.15 -4.22 9.19
C ASP B 118 -19.71 -5.43 8.45
N SER B 119 -18.92 -6.50 8.36
CA SER B 119 -19.33 -7.70 7.63
C SER B 119 -20.46 -8.43 8.35
N LEU B 120 -20.40 -8.45 9.68
CA LEU B 120 -21.49 -9.00 10.46
C LEU B 120 -22.81 -8.27 10.17
N ILE B 121 -22.76 -6.95 10.17
CA ILE B 121 -23.95 -6.14 9.92
C ILE B 121 -24.50 -6.35 8.52
N ARG B 122 -23.61 -6.51 7.54
CA ARG B 122 -24.04 -6.74 6.16
C ARG B 122 -24.66 -8.12 6.02
N VAL B 123 -24.09 -9.11 6.69
CA VAL B 123 -24.68 -10.45 6.70
C VAL B 123 -26.04 -10.41 7.38
N ARG B 124 -26.10 -9.69 8.49
CA ARG B 124 -27.35 -9.53 9.23
C ARG B 124 -28.41 -8.95 8.31
N LEU B 125 -28.05 -7.91 7.57
CA LEU B 125 -28.99 -7.21 6.70
C LEU B 125 -29.46 -8.10 5.55
N VAL B 126 -28.59 -8.95 5.04
CA VAL B 126 -28.98 -9.85 3.93
C VAL B 126 -30.03 -10.85 4.40
N GLU B 127 -29.90 -11.31 5.65
CA GLU B 127 -30.89 -12.21 6.23
C GLU B 127 -32.27 -11.57 6.29
N GLU B 128 -32.30 -10.27 6.54
CA GLU B 128 -33.58 -9.59 6.73
C GLU B 128 -34.31 -9.36 5.42
N THR B 129 -33.63 -9.58 4.29
CA THR B 129 -34.28 -9.38 2.99
C THR B 129 -35.11 -10.61 2.65
N GLY B 130 -35.08 -11.60 3.54
CA GLY B 130 -35.90 -12.79 3.39
C GLY B 130 -37.28 -12.50 3.93
N ASN B 131 -37.42 -11.38 4.62
CA ASN B 131 -38.71 -10.92 5.10
C ASN B 131 -39.19 -9.78 4.23
N SER B 132 -40.39 -9.92 3.66
CA SER B 132 -40.90 -9.00 2.66
C SER B 132 -41.02 -7.55 3.14
N GLU B 133 -41.48 -7.35 4.38
CA GLU B 133 -41.66 -5.99 4.90
C GLU B 133 -40.32 -5.30 5.13
N ASN B 134 -39.38 -6.02 5.73
CA ASN B 134 -38.03 -5.51 5.95
C ASN B 134 -37.32 -5.18 4.65
N LEU B 135 -37.55 -6.03 3.65
CA LEU B 135 -37.00 -5.83 2.32
C LEU B 135 -37.40 -4.47 1.78
N ASN B 136 -38.63 -4.05 2.07
CA ASN B 136 -39.11 -2.73 1.64
C ASN B 136 -38.38 -1.62 2.34
N THR B 137 -38.15 -1.81 3.64
CA THR B 137 -37.48 -0.81 4.45
C THR B 137 -36.04 -0.63 4.01
N ILE B 138 -35.35 -1.75 3.80
CA ILE B 138 -33.97 -1.71 3.34
C ILE B 138 -33.92 -1.11 1.94
N LYS B 139 -34.76 -1.61 1.04
CA LYS B 139 -34.83 -1.11 -0.33
C LYS B 139 -35.04 0.40 -0.40
N SER B 140 -35.94 0.90 0.44
CA SER B 140 -36.25 2.33 0.45
C SER B 140 -35.09 3.16 1.00
N LYS B 141 -34.51 2.71 2.11
CA LYS B 141 -33.46 3.46 2.78
C LYS B 141 -32.13 3.41 2.05
N ILE B 142 -31.78 2.22 1.55
CA ILE B 142 -30.47 2.01 0.94
C ILE B 142 -30.40 2.61 -0.46
N ALA B 143 -31.55 2.96 -1.00
CA ALA B 143 -31.62 3.54 -2.34
C ALA B 143 -30.95 4.91 -2.33
N SER B 144 -30.79 5.49 -1.15
CA SER B 144 -30.21 6.82 -1.04
C SER B 144 -28.73 6.80 -0.69
N HIS B 145 -28.17 5.62 -0.45
CA HIS B 145 -26.75 5.53 -0.08
C HIS B 145 -25.85 5.90 -1.25
N PRO B 146 -24.73 6.58 -0.96
CA PRO B 146 -23.78 7.10 -1.94
C PRO B 146 -23.21 6.03 -2.88
N LEU B 147 -22.90 4.85 -2.36
CA LEU B 147 -22.37 3.78 -3.21
C LEU B 147 -23.41 3.27 -4.19
N ILE B 148 -24.64 3.15 -3.75
CA ILE B 148 -25.74 2.88 -4.66
C ILE B 148 -25.85 4.21 -5.39
N GLN B 149 -26.44 4.22 -6.58
CA GLN B 149 -26.53 5.42 -7.44
C GLN B 149 -25.18 5.71 -8.09
N ALA B 150 -24.09 5.45 -7.37
CA ALA B 150 -22.77 5.52 -7.97
C ALA B 150 -22.66 4.31 -8.90
N TYR B 151 -23.29 3.22 -8.48
CA TYR B 151 -23.39 2.02 -9.27
C TYR B 151 -24.57 2.14 -10.23
N GLY B 152 -25.48 3.05 -9.91
CA GLY B 152 -26.70 3.19 -10.67
C GLY B 152 -27.45 1.88 -10.60
N LEU B 153 -27.34 1.21 -9.46
CA LEU B 153 -27.97 -0.10 -9.29
C LEU B 153 -29.48 0.03 -9.21
N PRO B 154 -30.20 -0.75 -10.03
CA PRO B 154 -31.66 -0.76 -9.96
C PRO B 154 -32.11 -1.60 -8.77
N LEU B 155 -33.10 -1.11 -8.03
CA LEU B 155 -33.57 -1.83 -6.86
C LEU B 155 -34.96 -2.43 -7.05
N ASP B 156 -35.04 -3.67 -7.50
CA ASP B 156 -36.35 -4.29 -7.73
C ASP B 156 -36.68 -5.44 -6.79
N ASP B 157 -35.97 -6.56 -6.92
CA ASP B 157 -36.27 -7.75 -6.15
C ASP B 157 -35.29 -7.95 -5.00
N ALA B 158 -35.46 -9.04 -4.27
CA ALA B 158 -34.65 -9.32 -3.09
C ALA B 158 -33.17 -9.45 -3.44
N LYS B 159 -32.89 -10.13 -4.55
CA LYS B 159 -31.50 -10.34 -4.97
C LYS B 159 -30.83 -9.02 -5.34
N SER B 160 -31.62 -8.08 -5.87
CA SER B 160 -31.10 -6.77 -6.21
C SER B 160 -30.73 -5.97 -4.97
N VAL B 161 -31.51 -6.16 -3.92
CA VAL B 161 -31.29 -5.46 -2.66
C VAL B 161 -30.07 -6.01 -1.94
N ARG B 162 -29.84 -7.32 -2.04
CA ARG B 162 -28.68 -7.94 -1.40
C ARG B 162 -27.36 -7.44 -1.98
N LEU B 163 -27.32 -7.28 -3.29
CA LEU B 163 -26.15 -6.71 -3.94
C LEU B 163 -25.87 -5.31 -3.41
N ALA B 164 -26.94 -4.56 -3.15
CA ALA B 164 -26.85 -3.22 -2.61
C ALA B 164 -26.26 -3.24 -1.20
N ILE B 165 -26.72 -4.17 -0.38
CA ILE B 165 -26.16 -4.38 0.95
C ILE B 165 -24.71 -4.79 0.83
N MET B 166 -24.41 -5.49 -0.26
CA MET B 166 -23.08 -6.05 -0.47
C MET B 166 -22.00 -5.01 -0.79
N LEU B 167 -22.38 -3.87 -1.34
CA LEU B 167 -21.43 -2.87 -1.83
C LEU B 167 -20.56 -2.23 -0.75
N GLY B 168 -19.24 -2.31 -0.91
CA GLY B 168 -18.29 -1.69 -0.01
C GLY B 168 -17.81 -2.61 1.08
N GLY B 169 -18.39 -3.81 1.14
CA GLY B 169 -18.04 -4.78 2.16
C GLY B 169 -16.82 -5.62 1.86
N SER B 170 -16.31 -6.26 2.91
CA SER B 170 -15.15 -7.14 2.79
C SER B 170 -15.55 -8.47 2.20
N LEU B 171 -15.31 -8.61 0.91
CA LEU B 171 -15.68 -9.82 0.19
C LEU B 171 -14.99 -11.11 0.69
N PRO B 172 -13.70 -11.05 1.07
CA PRO B 172 -13.11 -12.29 1.59
C PRO B 172 -13.74 -12.78 2.89
N LEU B 173 -14.11 -11.87 3.79
CA LEU B 173 -14.73 -12.27 5.06
C LEU B 173 -16.12 -12.84 4.84
N ILE B 174 -16.96 -12.09 4.13
CA ILE B 174 -18.35 -12.47 3.96
C ILE B 174 -18.46 -13.75 3.13
N ALA B 175 -17.44 -14.01 2.31
CA ALA B 175 -17.44 -15.22 1.49
C ALA B 175 -17.37 -16.49 2.34
N SER B 176 -16.84 -16.36 3.55
CA SER B 176 -16.68 -17.51 4.44
C SER B 176 -18.00 -17.98 5.03
N VAL B 177 -18.99 -17.08 5.07
CA VAL B 177 -20.33 -17.46 5.53
C VAL B 177 -21.04 -18.23 4.40
N ASP B 178 -21.75 -19.30 4.76
CA ASP B 178 -22.42 -20.16 3.78
C ASP B 178 -23.50 -19.45 2.98
N SER B 179 -23.59 -19.81 1.70
CA SER B 179 -24.56 -19.24 0.74
C SER B 179 -24.22 -17.82 0.30
N PHE B 180 -23.16 -17.23 0.86
CA PHE B 180 -22.71 -15.90 0.45
C PHE B 180 -21.61 -15.99 -0.58
N GLU B 181 -21.26 -17.21 -0.97
CA GLU B 181 -20.13 -17.45 -1.87
C GLU B 181 -20.31 -16.80 -3.24
N MET B 182 -21.45 -17.07 -3.88
CA MET B 182 -21.66 -16.59 -5.22
C MET B 182 -21.84 -15.08 -5.31
N ILE B 183 -22.60 -14.51 -4.38
CA ILE B 183 -22.83 -13.07 -4.42
C ILE B 183 -21.52 -12.33 -4.20
N SER B 184 -20.63 -12.95 -3.43
CA SER B 184 -19.35 -12.35 -3.11
C SER B 184 -18.45 -12.34 -4.33
N VAL B 185 -18.29 -13.50 -4.95
CA VAL B 185 -17.33 -13.66 -6.02
C VAL B 185 -17.82 -13.04 -7.34
N VAL B 186 -19.15 -13.01 -7.54
CA VAL B 186 -19.70 -12.39 -8.75
C VAL B 186 -19.51 -10.88 -8.69
N LEU B 187 -19.81 -10.30 -7.52
CA LEU B 187 -19.62 -8.87 -7.32
C LEU B 187 -18.13 -8.53 -7.40
N ALA B 188 -17.28 -9.45 -6.95
CA ALA B 188 -15.84 -9.27 -6.97
C ALA B 188 -15.33 -9.13 -8.40
N ILE B 189 -15.88 -9.96 -9.29
CA ILE B 189 -15.54 -9.93 -10.70
C ILE B 189 -16.04 -8.65 -11.39
N TYR B 190 -17.27 -8.26 -11.08
CA TYR B 190 -17.85 -7.07 -11.67
C TYR B 190 -17.01 -5.83 -11.34
N GLN B 191 -16.51 -5.79 -10.12
CA GLN B 191 -15.65 -4.70 -9.69
C GLN B 191 -14.27 -4.75 -10.34
N ASP B 192 -13.78 -5.95 -10.64
CA ASP B 192 -12.48 -6.09 -11.26
C ASP B 192 -12.60 -5.64 -12.71
N ALA B 193 -13.75 -5.94 -13.31
CA ALA B 193 -14.01 -5.55 -14.68
C ALA B 193 -14.33 -4.06 -14.81
N LYS B 194 -15.22 -3.55 -13.95
CA LYS B 194 -15.72 -2.18 -14.11
C LYS B 194 -15.14 -1.16 -13.17
N TYR B 195 -13.98 -1.46 -12.60
CA TYR B 195 -13.36 -0.57 -11.63
C TYR B 195 -13.08 0.82 -12.20
N LYS B 196 -12.87 0.88 -13.51
CA LYS B 196 -12.62 2.15 -14.16
C LYS B 196 -13.89 2.99 -14.13
N ASP B 197 -15.00 2.40 -14.60
CA ASP B 197 -16.30 3.06 -14.66
C ASP B 197 -16.83 3.46 -13.28
N LEU B 198 -16.48 2.67 -12.27
CA LEU B 198 -16.99 2.87 -10.92
C LEU B 198 -16.15 3.88 -10.17
N GLY B 199 -15.14 4.42 -10.84
CA GLY B 199 -14.24 5.37 -10.23
C GLY B 199 -13.48 4.75 -9.07
N ILE B 200 -13.16 3.46 -9.21
CA ILE B 200 -12.42 2.76 -8.17
C ILE B 200 -10.93 2.90 -8.38
N ASP B 201 -10.25 3.44 -7.38
CA ASP B 201 -8.80 3.58 -7.41
C ASP B 201 -8.08 2.28 -7.07
N PRO B 202 -7.32 1.74 -8.05
CA PRO B 202 -6.51 0.52 -7.93
C PRO B 202 -5.46 0.61 -6.82
N LYS B 203 -5.17 1.84 -6.38
CA LYS B 203 -4.13 2.09 -5.37
C LYS B 203 -4.69 1.89 -3.97
N LYS B 204 -5.95 2.28 -3.80
CA LYS B 204 -6.64 2.18 -2.51
C LYS B 204 -7.28 0.81 -2.35
N TYR B 205 -7.71 0.22 -3.47
CA TYR B 205 -8.37 -1.08 -3.43
C TYR B 205 -7.93 -1.96 -4.59
N ASP B 206 -7.11 -2.97 -4.29
CA ASP B 206 -6.60 -3.89 -5.30
C ASP B 206 -7.72 -4.82 -5.69
N THR B 207 -8.28 -4.55 -6.86
CA THR B 207 -9.52 -5.15 -7.27
C THR B 207 -9.28 -6.60 -7.73
N LYS B 208 -8.04 -6.89 -8.11
CA LYS B 208 -7.61 -8.26 -8.40
C LYS B 208 -7.34 -9.04 -7.12
N GLU B 209 -6.63 -8.42 -6.18
CA GLU B 209 -6.29 -9.04 -4.90
C GLU B 209 -7.55 -9.48 -4.14
N ALA B 210 -8.58 -8.65 -4.19
CA ALA B 210 -9.85 -8.94 -3.52
C ALA B 210 -10.51 -10.19 -4.09
N LEU B 211 -10.55 -10.27 -5.42
CA LEU B 211 -11.07 -11.43 -6.12
C LEU B 211 -10.23 -12.67 -5.83
N GLY B 212 -8.92 -12.48 -5.77
CA GLY B 212 -8.00 -13.55 -5.45
C GLY B 212 -8.19 -14.10 -4.06
N LYS B 213 -8.47 -13.22 -3.11
CA LYS B 213 -8.70 -13.61 -1.72
C LYS B 213 -10.01 -14.36 -1.52
N VAL B 214 -11.05 -13.94 -2.25
CA VAL B 214 -12.35 -14.61 -2.14
C VAL B 214 -12.27 -16.06 -2.60
N CYS B 215 -11.63 -16.30 -3.74
CA CYS B 215 -11.51 -17.65 -4.27
C CYS B 215 -10.66 -18.52 -3.35
N THR B 216 -9.64 -17.91 -2.75
CA THR B 216 -8.82 -18.60 -1.77
C THR B 216 -9.71 -19.11 -0.64
N VAL B 217 -10.66 -18.28 -0.22
CA VAL B 217 -11.62 -18.65 0.83
C VAL B 217 -12.50 -19.83 0.36
N LEU B 218 -12.97 -19.75 -0.88
CA LEU B 218 -13.83 -20.79 -1.45
C LEU B 218 -13.09 -22.12 -1.57
N LYS B 219 -11.80 -22.04 -1.90
CA LYS B 219 -10.98 -23.24 -2.01
C LYS B 219 -10.65 -23.82 -0.62
N SER B 220 -10.55 -22.96 0.38
CA SER B 220 -10.23 -23.40 1.73
C SER B 220 -11.39 -24.18 2.33
N LYS B 221 -12.60 -23.85 1.88
CA LYS B 221 -13.79 -24.59 2.30
C LYS B 221 -14.17 -25.59 1.21
N ALA B 222 -13.32 -25.70 0.19
CA ALA B 222 -13.54 -26.61 -0.94
C ALA B 222 -14.87 -26.38 -1.63
N PHE B 223 -15.18 -25.11 -1.90
CA PHE B 223 -16.44 -24.73 -2.55
C PHE B 223 -16.43 -25.11 -4.03
N GLU B 224 -17.50 -25.77 -4.46
CA GLU B 224 -17.63 -26.17 -5.85
C GLU B 224 -18.73 -25.39 -6.54
N MET B 225 -18.41 -24.83 -7.70
CA MET B 225 -19.41 -24.11 -8.49
C MET B 225 -20.02 -25.01 -9.55
N ASN B 226 -21.12 -25.67 -9.19
CA ASN B 226 -21.82 -26.52 -10.14
C ASN B 226 -22.73 -25.65 -10.99
N GLU B 227 -23.49 -26.25 -11.90
CA GLU B 227 -24.33 -25.47 -12.80
C GLU B 227 -25.34 -24.62 -12.02
N ASP B 228 -25.84 -25.15 -10.90
CA ASP B 228 -26.84 -24.46 -10.08
C ASP B 228 -26.29 -23.21 -9.38
N GLN B 229 -25.10 -23.33 -8.78
CA GLN B 229 -24.47 -22.19 -8.14
C GLN B 229 -24.14 -21.12 -9.18
N VAL B 230 -23.66 -21.55 -10.34
CA VAL B 230 -23.39 -20.64 -11.45
C VAL B 230 -24.69 -20.02 -11.99
N LYS B 231 -25.75 -20.83 -12.06
CA LYS B 231 -27.06 -20.31 -12.47
C LYS B 231 -27.50 -19.24 -11.48
N LYS B 232 -27.28 -19.49 -10.20
CA LYS B 232 -27.57 -18.51 -9.15
C LYS B 232 -26.72 -17.26 -9.33
N GLY B 233 -25.44 -17.47 -9.61
CA GLY B 233 -24.51 -16.39 -9.87
C GLY B 233 -24.89 -15.56 -11.07
N LYS B 234 -25.35 -16.23 -12.13
CA LYS B 234 -25.75 -15.55 -13.36
C LYS B 234 -26.96 -14.65 -13.10
N GLU B 235 -27.81 -15.06 -12.17
CA GLU B 235 -28.93 -14.24 -11.77
C GLU B 235 -28.47 -12.93 -11.17
N TYR B 236 -27.42 -13.00 -10.34
CA TYR B 236 -26.83 -11.81 -9.74
C TYR B 236 -26.15 -10.94 -10.79
N ALA B 237 -25.37 -11.58 -11.65
CA ALA B 237 -24.59 -10.87 -12.66
C ALA B 237 -25.49 -10.10 -13.62
N ALA B 238 -26.68 -10.64 -13.83
CA ALA B 238 -27.66 -10.00 -14.69
C ALA B 238 -28.04 -8.62 -14.17
N ILE B 239 -28.31 -8.56 -12.87
CA ILE B 239 -28.75 -7.33 -12.21
C ILE B 239 -27.66 -6.26 -12.23
N LEU B 240 -26.41 -6.67 -12.07
CA LEU B 240 -25.29 -5.74 -12.12
C LEU B 240 -25.12 -5.25 -13.55
N SER B 241 -25.41 -6.13 -14.50
CA SER B 241 -25.35 -5.76 -15.92
C SER B 241 -26.44 -4.75 -16.25
N SER B 242 -27.61 -4.90 -15.63
CA SER B 242 -28.72 -4.00 -15.88
C SER B 242 -28.48 -2.65 -15.21
N SER B 243 -27.44 -2.58 -14.37
CA SER B 243 -27.08 -1.34 -13.69
C SER B 243 -26.32 -0.36 -14.60
N ASN B 244 -26.41 0.92 -14.25
CA ASN B 244 -25.75 2.02 -14.95
C ASN B 244 -24.75 2.79 -14.07
N PRO B 245 -23.47 2.37 -14.06
CA PRO B 245 -22.45 2.92 -13.15
C PRO B 245 -21.95 4.33 -13.49
N ASN B 246 -22.14 5.26 -12.55
CA ASN B 246 -21.61 6.62 -12.65
C ASN B 246 -21.02 7.11 -11.35
N ALA B 247 -19.71 7.27 -11.30
CA ALA B 247 -19.08 7.72 -10.06
C ALA B 247 -18.18 8.93 -10.26
N LYS B 248 -18.17 9.81 -9.27
CA LYS B 248 -17.28 10.96 -9.25
C LYS B 248 -16.69 11.15 -7.87
N GLY B 249 -15.43 11.58 -7.83
CA GLY B 249 -14.71 11.73 -6.58
C GLY B 249 -15.28 12.80 -5.66
N SER B 250 -15.76 12.36 -4.49
CA SER B 250 -16.25 13.25 -3.43
C SER B 250 -17.21 14.32 -3.95
N VAL B 251 -17.21 15.46 -3.27
CA VAL B 251 -18.06 16.57 -3.64
C VAL B 251 -17.27 17.66 -4.36
N ALA B 252 -16.13 18.04 -3.78
CA ALA B 252 -15.33 19.16 -4.27
C ALA B 252 -14.54 18.86 -5.55
N MET B 253 -14.03 17.64 -5.68
CA MET B 253 -13.24 17.29 -6.86
C MET B 253 -14.07 17.33 -8.13
N GLU B 254 -15.35 16.99 -8.01
CA GLU B 254 -16.25 17.05 -9.14
C GLU B 254 -16.57 18.51 -9.49
N HIS B 255 -16.56 19.36 -8.46
CA HIS B 255 -16.77 20.78 -8.65
C HIS B 255 -15.59 21.39 -9.40
N TYR B 256 -14.40 20.84 -9.18
CA TYR B 256 -13.18 21.34 -9.84
C TYR B 256 -12.71 20.43 -10.98
N SER B 257 -13.57 19.52 -11.42
CA SER B 257 -13.19 18.51 -12.43
C SER B 257 -12.64 19.09 -13.74
N GLU B 258 -13.11 20.27 -14.12
CA GLU B 258 -12.67 20.86 -15.38
C GLU B 258 -11.22 21.32 -15.34
N THR B 259 -10.82 21.93 -14.23
CA THR B 259 -9.48 22.49 -14.13
C THR B 259 -8.45 21.43 -13.72
N LEU B 260 -8.89 20.49 -12.89
CA LEU B 260 -7.99 19.47 -12.33
C LEU B 260 -7.35 18.60 -13.38
N ASN B 261 -8.15 18.08 -14.31
CA ASN B 261 -7.68 17.17 -15.35
C ASN B 261 -6.58 17.76 -16.23
N LYS B 262 -6.56 19.08 -16.33
CA LYS B 262 -5.55 19.76 -17.12
C LYS B 262 -4.14 19.51 -16.55
N PHE B 263 -4.07 19.31 -15.25
CA PHE B 263 -2.78 19.20 -14.57
C PHE B 263 -2.17 17.81 -14.65
N TYR B 264 -3.03 16.79 -14.68
CA TYR B 264 -2.58 15.40 -14.70
C TYR B 264 -1.75 15.06 -15.94
N GLU B 265 -2.11 15.64 -17.07
CA GLU B 265 -1.48 15.29 -18.33
C GLU B 265 -0.13 15.98 -18.50
N MET B 266 0.09 17.07 -17.76
CA MET B 266 1.38 17.77 -17.78
C MET B 266 2.44 16.95 -17.05
N PHE B 267 2.01 16.02 -16.21
CA PHE B 267 2.93 15.14 -15.51
C PHE B 267 2.93 13.74 -16.10
N GLY B 268 2.53 13.64 -17.37
CA GLY B 268 2.41 12.37 -18.08
C GLY B 268 3.73 11.64 -18.26
N VAL B 269 4.26 11.63 -19.48
CA VAL B 269 5.61 11.11 -19.73
C VAL B 269 6.67 12.04 -19.10
N LYS B 270 7.87 12.07 -19.67
CA LYS B 270 8.95 12.81 -19.03
C LYS B 270 9.29 14.06 -19.82
N LYS B 271 9.34 15.21 -19.14
CA LYS B 271 9.59 16.49 -19.80
C LYS B 271 10.32 17.52 -18.92
N GLN B 272 11.39 18.10 -19.46
CA GLN B 272 12.27 18.94 -18.64
C GLN B 272 12.45 20.34 -19.21
N ALA B 273 11.56 20.75 -20.09
CA ALA B 273 11.73 21.99 -20.84
C ALA B 273 11.67 23.20 -19.92
N LYS B 274 12.69 24.04 -19.98
CA LYS B 274 12.66 25.33 -19.27
C LYS B 274 12.32 26.46 -20.23
N LEU B 275 12.06 27.65 -19.71
CA LEU B 275 11.57 28.75 -20.54
C LEU B 275 12.38 30.01 -20.28
N ALA B 276 13.41 30.20 -21.10
CA ALA B 276 14.33 31.30 -20.87
C ALA B 276 14.09 32.44 -21.84
N GLU B 277 14.71 33.58 -21.55
CA GLU B 277 14.61 34.77 -22.38
C GLU B 277 16.01 35.23 -22.80
N LEU B 278 16.29 35.06 -24.09
CA LEU B 278 17.58 35.45 -24.66
C LEU B 278 18.71 34.65 -24.00
N LYS C 24 -32.73 11.80 13.68
CA LYS C 24 -31.42 12.25 13.24
C LYS C 24 -30.61 12.88 14.37
N VAL C 25 -29.44 12.33 14.62
CA VAL C 25 -28.59 12.78 15.72
C VAL C 25 -27.22 13.16 15.17
N LYS C 26 -26.51 14.06 15.83
CA LYS C 26 -25.17 14.43 15.40
C LYS C 26 -24.24 13.23 15.49
N LEU C 27 -23.35 13.06 14.49
CA LEU C 27 -22.41 11.95 14.50
C LEU C 27 -21.32 12.21 15.54
N THR C 28 -21.35 11.43 16.62
CA THR C 28 -20.36 11.55 17.69
C THR C 28 -19.92 10.17 18.14
N LYS C 29 -18.96 10.11 19.07
CA LYS C 29 -18.42 8.82 19.51
C LYS C 29 -19.38 8.09 20.45
N GLU C 30 -20.08 8.84 21.29
CA GLU C 30 -20.99 8.24 22.25
C GLU C 30 -22.24 7.74 21.56
N ASN C 31 -22.55 8.30 20.41
CA ASN C 31 -23.71 7.85 19.65
C ASN C 31 -23.44 6.56 18.90
N ILE C 32 -22.18 6.31 18.55
CA ILE C 32 -21.82 5.12 17.79
C ILE C 32 -21.87 3.87 18.68
N VAL C 33 -21.53 4.03 19.96
CA VAL C 33 -21.59 2.90 20.88
C VAL C 33 -23.05 2.54 21.17
N ALA C 34 -23.92 3.55 21.12
CA ALA C 34 -25.36 3.35 21.34
C ALA C 34 -26.07 2.80 20.10
N LEU C 35 -25.50 3.08 18.94
CA LEU C 35 -26.02 2.58 17.68
C LEU C 35 -25.93 1.06 17.62
N LEU C 36 -24.82 0.53 18.11
CA LEU C 36 -24.52 -0.88 18.02
C LEU C 36 -25.11 -1.69 19.18
N THR C 37 -25.45 -1.00 20.26
CA THR C 37 -25.93 -1.67 21.46
C THR C 37 -27.42 -1.52 21.72
N GLN C 38 -28.11 -0.69 20.94
CA GLN C 38 -29.53 -0.46 21.19
C GLN C 38 -30.42 -0.76 19.99
N GLY C 39 -31.61 -1.26 20.28
CA GLY C 39 -32.60 -1.55 19.26
C GLY C 39 -33.29 -0.28 18.81
N LYS C 40 -32.79 0.86 19.26
CA LYS C 40 -33.33 2.15 18.86
C LYS C 40 -32.97 2.50 17.43
N ASP C 41 -33.86 3.23 16.76
CA ASP C 41 -33.62 3.67 15.39
C ASP C 41 -32.86 4.98 15.40
N LEU C 42 -31.61 4.95 14.97
CA LEU C 42 -30.79 6.15 14.95
C LEU C 42 -30.30 6.50 13.56
N GLU C 43 -30.19 7.80 13.30
CA GLU C 43 -29.59 8.28 12.08
C GLU C 43 -28.64 9.43 12.42
N PHE C 44 -27.74 9.75 11.49
CA PHE C 44 -26.70 10.73 11.74
C PHE C 44 -26.78 11.94 10.81
N GLU C 45 -27.17 13.07 11.37
CA GLU C 45 -27.28 14.37 10.70
C GLU C 45 -26.35 14.59 9.49
N GLU C 46 -25.05 14.38 9.70
CA GLU C 46 -24.02 14.69 8.70
C GLU C 46 -24.08 16.16 8.29
N ASN C 47 -24.26 16.39 6.98
CA ASN C 47 -24.34 17.75 6.41
C ASN C 47 -23.28 18.71 6.95
N VAL C 51 -17.91 22.88 14.47
CA VAL C 51 -18.11 24.18 13.81
C VAL C 51 -17.27 24.25 12.54
N ALA C 52 -16.30 25.17 12.54
CA ALA C 52 -15.45 25.38 11.39
C ALA C 52 -14.05 25.79 11.83
N PHE C 53 -13.06 25.04 11.35
CA PHE C 53 -11.66 25.30 11.64
C PHE C 53 -10.98 25.87 10.40
N ASN C 54 -10.26 26.97 10.59
CA ASN C 54 -9.49 27.56 9.51
C ASN C 54 -8.03 27.61 9.91
N PHE C 55 -7.18 26.99 9.12
CA PHE C 55 -5.77 26.94 9.46
C PHE C 55 -5.12 28.27 9.15
N LYS C 56 -5.60 28.96 8.11
CA LYS C 56 -5.05 30.26 7.73
C LYS C 56 -5.20 31.27 8.89
N THR C 57 -6.35 31.22 9.56
CA THR C 57 -6.59 32.04 10.74
C THR C 57 -5.68 31.60 11.87
N PHE C 58 -5.54 30.29 12.02
CA PHE C 58 -4.62 29.69 12.99
C PHE C 58 -3.21 30.13 12.68
N CYS C 59 -2.92 30.20 11.39
CA CYS C 59 -1.59 30.54 10.91
C CYS C 59 -1.26 31.97 11.33
N LEU C 60 -2.20 32.88 11.13
CA LEU C 60 -1.99 34.29 11.48
C LEU C 60 -1.65 34.49 12.95
N GLU C 61 -2.13 33.58 13.78
CA GLU C 61 -1.89 33.63 15.22
C GLU C 61 -0.52 33.12 15.63
N ASN C 62 -0.28 31.83 15.38
CA ASN C 62 0.89 31.15 15.87
C ASN C 62 2.14 31.35 15.02
N LEU C 63 1.99 31.97 13.84
CA LEU C 63 3.14 32.16 12.97
C LEU C 63 4.14 33.14 13.55
N ASP C 64 3.62 34.17 14.22
CA ASP C 64 4.47 35.16 14.86
C ASP C 64 5.33 34.48 15.92
N GLN C 65 4.77 33.45 16.54
CA GLN C 65 5.48 32.68 17.56
C GLN C 65 6.59 31.80 16.96
N ILE C 66 6.38 31.28 15.74
CA ILE C 66 7.35 30.42 15.07
C ILE C 66 8.42 31.25 14.37
N LYS C 67 8.15 32.54 14.16
CA LYS C 67 9.13 33.39 13.52
C LYS C 67 10.27 33.69 14.50
N LYS C 68 10.05 33.37 15.77
CA LYS C 68 11.07 33.54 16.79
C LYS C 68 12.04 32.37 16.74
N MET C 69 11.68 31.33 15.99
CA MET C 69 12.56 30.18 15.76
C MET C 69 13.61 30.62 14.74
N SER C 70 14.80 30.05 14.83
CA SER C 70 15.84 30.36 13.85
C SER C 70 15.53 29.64 12.54
N ILE C 71 15.88 30.27 11.41
CA ILE C 71 15.68 29.67 10.10
C ILE C 71 16.39 28.31 10.04
N ILE C 72 17.56 28.22 10.66
CA ILE C 72 18.27 26.96 10.77
C ILE C 72 17.53 25.94 11.64
N SER C 73 16.95 26.40 12.74
CA SER C 73 16.19 25.52 13.62
C SER C 73 14.97 24.94 12.90
N CYS C 74 14.41 25.73 11.98
CA CYS C 74 13.29 25.29 11.16
C CYS C 74 13.66 24.19 10.16
N LEU C 75 14.78 24.34 9.46
CA LEU C 75 15.19 23.35 8.47
C LEU C 75 15.58 22.02 9.10
N THR C 76 16.10 22.07 10.32
CA THR C 76 16.39 20.85 11.08
C THR C 76 15.08 20.12 11.38
N PHE C 77 14.04 20.88 11.64
CA PHE C 77 12.72 20.29 11.88
C PHE C 77 12.25 19.51 10.65
N LEU C 78 12.39 20.10 9.47
CA LEU C 78 12.01 19.45 8.21
C LEU C 78 12.81 18.16 7.95
N LYS C 79 14.12 18.23 8.18
CA LYS C 79 15.04 17.12 7.96
C LYS C 79 14.75 15.92 8.88
N ASN C 80 14.47 16.21 10.14
CA ASN C 80 14.25 15.17 11.13
C ASN C 80 12.78 15.00 11.44
N ARG C 81 11.92 15.38 10.49
CA ARG C 81 10.47 15.39 10.69
C ARG C 81 9.98 14.09 11.31
N GLN C 82 10.21 12.99 10.60
CA GLN C 82 9.79 11.67 11.05
C GLN C 82 10.55 11.28 12.32
N SER C 83 11.83 11.65 12.39
CA SER C 83 12.64 11.34 13.56
C SER C 83 12.16 12.12 14.78
N ILE C 84 11.92 13.42 14.61
CA ILE C 84 11.41 14.26 15.69
C ILE C 84 10.02 13.80 16.13
N MET C 85 9.21 13.41 15.14
CA MET C 85 7.84 12.92 15.36
C MET C 85 7.71 11.75 16.33
N LYS C 86 8.53 10.72 16.13
CA LYS C 86 8.48 9.52 16.95
C LYS C 86 8.77 9.81 18.42
N VAL C 87 9.74 10.69 18.66
CA VAL C 87 10.08 11.09 20.03
C VAL C 87 8.92 11.86 20.70
N ILE C 88 8.30 12.75 19.94
CA ILE C 88 7.15 13.53 20.44
C ILE C 88 5.96 12.62 20.76
N LYS C 89 5.79 11.55 20.00
CA LYS C 89 4.64 10.65 20.18
C LYS C 89 4.82 9.67 21.35
N GLN C 90 6.00 9.68 21.96
CA GLN C 90 6.33 8.83 23.10
C GLN C 90 5.47 9.17 24.31
N SER C 91 5.19 10.46 24.47
CA SER C 91 4.45 10.96 25.60
C SER C 91 3.84 12.32 25.25
N ASP C 92 3.09 12.89 26.18
CA ASP C 92 2.61 14.25 26.02
C ASP C 92 3.82 15.19 25.95
N PHE C 93 3.96 15.85 24.80
CA PHE C 93 5.14 16.67 24.53
C PHE C 93 4.89 18.14 24.75
N THR C 94 5.68 18.74 25.64
CA THR C 94 5.52 20.15 25.98
C THR C 94 6.77 20.94 25.58
N PHE C 95 6.56 22.00 24.81
CA PHE C 95 7.64 22.91 24.45
C PHE C 95 7.15 24.33 24.63
N GLY C 96 7.88 25.09 25.45
CA GLY C 96 7.43 26.41 25.82
C GLY C 96 6.14 26.25 26.59
N LYS C 97 5.15 27.08 26.27
CA LYS C 97 3.85 26.97 26.91
C LYS C 97 2.86 26.04 26.18
N ILE C 98 3.15 25.69 24.94
CA ILE C 98 2.27 24.83 24.14
C ILE C 98 2.68 23.36 24.29
N THR C 99 1.69 22.46 24.35
CA THR C 99 1.97 21.04 24.39
C THR C 99 1.07 20.25 23.42
N ILE C 100 1.68 19.34 22.68
CA ILE C 100 0.98 18.54 21.66
C ILE C 100 0.38 17.24 22.23
N ASP C 105 -9.85 12.51 21.68
CA ASP C 105 -8.78 12.83 20.74
C ASP C 105 -9.26 13.83 19.70
N ARG C 106 -10.26 14.63 20.05
CA ARG C 106 -10.76 15.62 19.10
C ARG C 106 -10.04 16.93 19.40
N ILE C 107 -9.37 17.43 18.37
CA ILE C 107 -8.52 18.60 18.46
C ILE C 107 -9.29 19.91 18.32
N GLY C 108 -9.07 20.82 19.26
CA GLY C 108 -9.70 22.13 19.20
C GLY C 108 -9.04 23.03 18.17
N ALA C 109 -9.78 24.02 17.71
CA ALA C 109 -9.32 24.92 16.65
C ALA C 109 -8.11 25.78 17.04
N THR C 110 -7.90 25.97 18.33
CA THR C 110 -6.76 26.76 18.80
C THR C 110 -5.58 25.85 19.12
N ASP C 111 -5.85 24.54 19.18
CA ASP C 111 -4.83 23.57 19.59
C ASP C 111 -3.70 23.44 18.57
N MET C 112 -2.52 23.08 19.06
CA MET C 112 -1.38 22.88 18.18
C MET C 112 -1.13 21.39 17.99
N THR C 113 -1.04 20.99 16.73
CA THR C 113 -0.87 19.58 16.36
C THR C 113 0.50 19.41 15.72
N PHE C 114 0.98 18.18 15.61
CA PHE C 114 2.29 17.98 14.99
C PHE C 114 2.24 18.42 13.52
N ARG C 115 1.19 18.01 12.80
CA ARG C 115 1.05 18.46 11.43
C ARG C 115 0.89 19.97 11.34
N ARG C 116 0.22 20.56 12.33
CA ARG C 116 0.08 22.01 12.39
C ARG C 116 1.40 22.72 12.71
N LEU C 117 2.23 22.10 13.55
CA LEU C 117 3.55 22.65 13.86
C LEU C 117 4.40 22.62 12.61
N ASP C 118 4.39 21.46 11.96
CA ASP C 118 5.11 21.23 10.71
C ASP C 118 4.71 22.24 9.66
N SER C 119 3.41 22.47 9.54
CA SER C 119 2.86 23.35 8.51
C SER C 119 3.17 24.83 8.76
N LEU C 120 3.12 25.26 10.01
CA LEU C 120 3.51 26.61 10.37
C LEU C 120 4.96 26.87 9.98
N ILE C 121 5.82 25.93 10.36
CA ILE C 121 7.25 26.01 10.09
C ILE C 121 7.54 26.06 8.59
N ARG C 122 6.75 25.33 7.81
CA ARG C 122 6.93 25.37 6.37
C ARG C 122 6.46 26.69 5.76
N VAL C 123 5.34 27.21 6.26
CA VAL C 123 4.83 28.49 5.77
C VAL C 123 5.80 29.60 6.13
N ARG C 124 6.34 29.55 7.34
CA ARG C 124 7.33 30.51 7.82
C ARG C 124 8.55 30.55 6.91
N LEU C 125 9.05 29.37 6.55
CA LEU C 125 10.26 29.23 5.74
C LEU C 125 10.12 29.78 4.32
N VAL C 126 8.93 29.62 3.74
CA VAL C 126 8.68 30.09 2.40
C VAL C 126 8.77 31.62 2.36
N GLU C 127 8.34 32.26 3.45
CA GLU C 127 8.46 33.70 3.58
C GLU C 127 9.91 34.17 3.51
N GLU C 128 10.82 33.36 4.05
CA GLU C 128 12.24 33.72 4.09
C GLU C 128 12.91 33.57 2.72
N THR C 129 12.18 33.01 1.76
CA THR C 129 12.73 32.82 0.43
C THR C 129 12.68 34.12 -0.37
N GLY C 130 12.13 35.17 0.25
CA GLY C 130 12.14 36.49 -0.34
C GLY C 130 13.38 37.29 0.03
N ASN C 131 14.12 36.80 1.02
CA ASN C 131 15.37 37.41 1.42
C ASN C 131 16.53 36.55 0.91
N SER C 132 17.42 37.15 0.14
CA SER C 132 18.48 36.43 -0.57
C SER C 132 19.42 35.67 0.35
N GLU C 133 19.75 36.30 1.48
CA GLU C 133 20.71 35.75 2.43
C GLU C 133 20.18 34.48 3.09
N ASN C 134 18.93 34.52 3.54
CA ASN C 134 18.28 33.34 4.08
C ASN C 134 18.07 32.26 3.03
N LEU C 135 17.67 32.69 1.83
CA LEU C 135 17.44 31.81 0.69
C LEU C 135 18.66 30.97 0.30
N ASN C 136 19.84 31.55 0.37
CA ASN C 136 21.07 30.82 0.01
C ASN C 136 21.33 29.71 1.01
N THR C 137 21.14 30.02 2.28
CA THR C 137 21.35 29.06 3.36
C THR C 137 20.30 27.97 3.27
N ILE C 138 19.06 28.38 3.01
CA ILE C 138 17.99 27.40 2.89
C ILE C 138 18.26 26.46 1.72
N LYS C 139 18.47 27.00 0.51
CA LYS C 139 18.69 26.17 -0.68
C LYS C 139 19.85 25.18 -0.55
N SER C 140 20.94 25.65 0.04
CA SER C 140 22.13 24.82 0.22
C SER C 140 21.92 23.71 1.22
N LYS C 141 21.31 24.05 2.34
CA LYS C 141 21.05 23.08 3.37
C LYS C 141 19.91 22.19 2.92
N ILE C 142 19.03 22.75 2.07
CA ILE C 142 17.85 22.04 1.63
C ILE C 142 18.27 21.00 0.60
N ALA C 143 19.50 21.03 0.12
CA ALA C 143 19.93 19.94 -0.79
C ALA C 143 20.17 18.62 -0.05
N SER C 144 20.33 18.69 1.27
CA SER C 144 20.69 17.52 2.07
C SER C 144 19.55 16.74 2.74
N HIS C 145 18.30 17.12 2.49
CA HIS C 145 17.15 16.41 3.05
C HIS C 145 16.97 15.02 2.48
N PRO C 146 16.53 14.08 3.32
CA PRO C 146 16.20 12.72 2.91
C PRO C 146 15.10 12.72 1.81
N LEU C 147 14.07 13.54 2.00
CA LEU C 147 12.97 13.65 1.03
C LEU C 147 13.44 14.27 -0.28
N ILE C 148 14.33 15.25 -0.14
CA ILE C 148 15.03 15.87 -1.26
C ILE C 148 16.03 14.84 -1.79
N GLN C 149 16.48 14.99 -3.04
CA GLN C 149 17.35 14.03 -3.72
C GLN C 149 16.57 12.77 -4.09
N ALA C 150 15.61 12.40 -3.24
CA ALA C 150 14.68 11.33 -3.53
C ALA C 150 13.72 11.80 -4.61
N TYR C 151 13.40 13.09 -4.59
CA TYR C 151 12.62 13.67 -5.67
C TYR C 151 13.54 14.07 -6.80
N GLY C 152 14.81 14.28 -6.47
CA GLY C 152 15.79 14.76 -7.42
C GLY C 152 15.35 16.11 -7.96
N LEU C 153 14.69 16.89 -7.12
CA LEU C 153 14.14 18.19 -7.50
C LEU C 153 15.27 19.18 -7.75
N PRO C 154 15.19 19.95 -8.84
CA PRO C 154 16.27 20.91 -9.07
C PRO C 154 16.17 22.09 -8.13
N LEU C 155 17.31 22.52 -7.59
CA LEU C 155 17.35 23.64 -6.67
C LEU C 155 18.01 24.81 -7.39
N ASP C 156 17.20 25.61 -8.08
CA ASP C 156 17.72 26.73 -8.85
C ASP C 156 17.25 28.09 -8.32
N ASP C 157 15.95 28.38 -8.45
CA ASP C 157 15.40 29.66 -8.00
C ASP C 157 14.61 29.51 -6.70
N ALA C 158 14.00 30.61 -6.26
CA ALA C 158 13.25 30.64 -5.01
C ALA C 158 12.06 29.68 -5.04
N LYS C 159 11.37 29.62 -6.18
CA LYS C 159 10.21 28.74 -6.34
C LYS C 159 10.66 27.29 -6.25
N SER C 160 11.90 27.05 -6.63
CA SER C 160 12.48 25.72 -6.55
C SER C 160 12.68 25.33 -5.09
N VAL C 161 13.01 26.31 -4.26
CA VAL C 161 13.21 26.11 -2.83
C VAL C 161 11.90 25.91 -2.06
N ARG C 162 10.89 26.66 -2.47
CA ARG C 162 9.59 26.61 -1.81
C ARG C 162 8.97 25.23 -1.93
N LEU C 163 9.05 24.64 -3.11
CA LEU C 163 8.57 23.28 -3.33
C LEU C 163 9.31 22.29 -2.43
N ALA C 164 10.60 22.50 -2.24
CA ALA C 164 11.38 21.61 -1.39
C ALA C 164 10.88 21.69 0.05
N ILE C 165 10.58 22.91 0.49
CA ILE C 165 10.00 23.14 1.81
C ILE C 165 8.63 22.47 1.88
N MET C 166 7.94 22.45 0.75
CA MET C 166 6.59 21.91 0.63
C MET C 166 6.49 20.38 0.76
N LEU C 167 7.56 19.68 0.39
CA LEU C 167 7.55 18.23 0.30
C LEU C 167 7.39 17.53 1.64
N GLY C 168 6.35 16.72 1.77
CA GLY C 168 6.15 15.97 3.00
C GLY C 168 5.21 16.67 3.96
N GLY C 169 4.79 17.87 3.60
CA GLY C 169 3.92 18.64 4.48
C GLY C 169 2.47 18.25 4.35
N SER C 170 1.67 18.66 5.33
CA SER C 170 0.25 18.40 5.30
C SER C 170 -0.43 19.36 4.34
N LEU C 171 -0.66 18.87 3.13
CA LEU C 171 -1.25 19.66 2.05
C LEU C 171 -2.67 20.16 2.34
N PRO C 172 -3.52 19.36 3.02
CA PRO C 172 -4.84 19.92 3.32
C PRO C 172 -4.79 21.16 4.23
N LEU C 173 -3.85 21.19 5.18
CA LEU C 173 -3.71 22.34 6.08
C LEU C 173 -3.20 23.56 5.33
N ILE C 174 -2.06 23.39 4.67
CA ILE C 174 -1.34 24.48 4.04
C ILE C 174 -2.11 25.10 2.88
N ALA C 175 -2.99 24.33 2.25
CA ALA C 175 -3.77 24.82 1.12
C ALA C 175 -4.70 25.97 1.50
N SER C 176 -5.06 26.03 2.79
CA SER C 176 -5.97 27.05 3.29
C SER C 176 -5.32 28.43 3.40
N VAL C 177 -3.99 28.48 3.47
CA VAL C 177 -3.27 29.76 3.51
C VAL C 177 -3.25 30.42 2.14
N ASP C 178 -3.47 31.74 2.10
CA ASP C 178 -3.52 32.46 0.83
C ASP C 178 -2.20 32.42 0.08
N SER C 179 -2.31 32.31 -1.25
CA SER C 179 -1.19 32.19 -2.21
C SER C 179 -0.52 30.81 -2.14
N PHE C 180 -0.94 29.99 -1.16
CA PHE C 180 -0.45 28.63 -1.04
C PHE C 180 -1.44 27.63 -1.64
N GLU C 181 -2.52 28.13 -2.23
CA GLU C 181 -3.55 27.25 -2.78
C GLU C 181 -3.02 26.43 -3.96
N MET C 182 -2.42 27.10 -4.95
CA MET C 182 -1.95 26.43 -6.16
C MET C 182 -0.75 25.53 -5.92
N ILE C 183 0.23 26.00 -5.14
CA ILE C 183 1.43 25.21 -4.88
C ILE C 183 1.02 23.93 -4.14
N SER C 184 -0.05 24.00 -3.37
CA SER C 184 -0.55 22.85 -2.61
C SER C 184 -1.20 21.83 -3.52
N VAL C 185 -2.13 22.28 -4.35
CA VAL C 185 -2.93 21.37 -5.17
C VAL C 185 -2.08 20.83 -6.33
N VAL C 186 -1.10 21.62 -6.77
CA VAL C 186 -0.20 21.17 -7.83
C VAL C 186 0.68 20.03 -7.35
N LEU C 187 1.27 20.20 -6.17
CA LEU C 187 2.10 19.17 -5.58
C LEU C 187 1.27 17.93 -5.26
N ALA C 188 0.00 18.15 -4.92
CA ALA C 188 -0.90 17.05 -4.58
C ALA C 188 -1.12 16.12 -5.77
N ILE C 189 -1.31 16.71 -6.95
CA ILE C 189 -1.49 15.94 -8.18
C ILE C 189 -0.22 15.22 -8.60
N TYR C 190 0.92 15.90 -8.55
CA TYR C 190 2.19 15.26 -8.88
C TYR C 190 2.48 14.07 -7.98
N GLN C 191 2.16 14.20 -6.70
CA GLN C 191 2.36 13.11 -5.76
C GLN C 191 1.38 11.98 -6.03
N ASP C 192 0.21 12.34 -6.56
CA ASP C 192 -0.82 11.37 -6.91
C ASP C 192 -0.46 10.62 -8.18
N ALA C 193 0.09 11.36 -9.13
CA ALA C 193 0.46 10.80 -10.43
C ALA C 193 1.71 9.92 -10.34
N LYS C 194 2.74 10.45 -9.70
CA LYS C 194 4.05 9.83 -9.69
C LYS C 194 4.37 9.09 -8.40
N TYR C 195 3.32 8.70 -7.67
CA TYR C 195 3.50 8.09 -6.35
C TYR C 195 4.40 6.86 -6.37
N LYS C 196 4.36 6.09 -7.46
CA LYS C 196 5.20 4.90 -7.57
C LYS C 196 6.66 5.28 -7.71
N ASP C 197 6.94 6.20 -8.64
CA ASP C 197 8.30 6.66 -8.87
C ASP C 197 8.87 7.30 -7.60
N LEU C 198 8.00 7.94 -6.82
CA LEU C 198 8.41 8.66 -5.62
C LEU C 198 8.49 7.72 -4.43
N GLY C 199 8.25 6.43 -4.68
CA GLY C 199 8.28 5.42 -3.64
C GLY C 199 7.23 5.64 -2.57
N ILE C 200 6.09 6.20 -2.97
CA ILE C 200 5.02 6.46 -2.03
C ILE C 200 4.13 5.24 -1.93
N ASP C 201 4.04 4.65 -0.76
CA ASP C 201 3.15 3.54 -0.54
C ASP C 201 1.73 4.07 -0.33
N PRO C 202 0.81 3.75 -1.25
CA PRO C 202 -0.58 4.21 -1.21
C PRO C 202 -1.33 3.78 0.04
N LYS C 203 -0.84 2.74 0.70
CA LYS C 203 -1.44 2.24 1.93
C LYS C 203 -0.96 3.06 3.13
N LYS C 204 0.28 3.54 3.05
CA LYS C 204 0.82 4.32 4.14
C LYS C 204 0.36 5.76 3.99
N TYR C 205 0.21 6.19 2.73
CA TYR C 205 -0.15 7.56 2.36
C TYR C 205 -1.19 7.58 1.23
N ASP C 206 -2.43 7.93 1.57
CA ASP C 206 -3.49 7.96 0.56
C ASP C 206 -3.37 9.21 -0.31
N THR C 207 -2.80 9.03 -1.48
CA THR C 207 -2.37 10.15 -2.31
C THR C 207 -3.56 10.77 -3.05
N LYS C 208 -4.62 10.00 -3.22
CA LYS C 208 -5.89 10.49 -3.78
C LYS C 208 -6.67 11.30 -2.76
N GLU C 209 -6.78 10.75 -1.56
CA GLU C 209 -7.51 11.37 -0.47
C GLU C 209 -6.91 12.73 -0.16
N ALA C 210 -5.59 12.81 -0.23
CA ALA C 210 -4.91 14.07 0.06
C ALA C 210 -5.36 15.14 -0.92
N LEU C 211 -5.37 14.81 -2.20
CA LEU C 211 -5.86 15.73 -3.22
C LEU C 211 -7.35 16.05 -3.04
N GLY C 212 -8.12 15.03 -2.66
CA GLY C 212 -9.54 15.20 -2.41
C GLY C 212 -9.80 16.19 -1.29
N LYS C 213 -8.96 16.13 -0.26
CA LYS C 213 -9.05 17.03 0.88
C LYS C 213 -8.66 18.47 0.52
N VAL C 214 -7.67 18.62 -0.35
CA VAL C 214 -7.22 19.95 -0.76
C VAL C 214 -8.34 20.73 -1.43
N CYS C 215 -9.06 20.08 -2.34
CA CYS C 215 -10.17 20.73 -3.03
C CYS C 215 -11.32 21.09 -2.07
N THR C 216 -11.56 20.24 -1.08
CA THR C 216 -12.55 20.53 -0.04
C THR C 216 -12.23 21.86 0.65
N VAL C 217 -10.96 22.05 0.97
CA VAL C 217 -10.49 23.28 1.60
C VAL C 217 -10.63 24.50 0.67
N LEU C 218 -10.25 24.35 -0.60
CA LEU C 218 -10.33 25.46 -1.56
C LEU C 218 -11.77 25.89 -1.82
N LYS C 219 -12.70 24.94 -1.81
CA LYS C 219 -14.10 25.26 -2.03
C LYS C 219 -14.67 26.00 -0.81
N SER C 220 -14.12 25.75 0.37
CA SER C 220 -14.57 26.41 1.59
C SER C 220 -14.21 27.89 1.60
N LYS C 221 -13.10 28.23 0.95
CA LYS C 221 -12.68 29.62 0.83
C LYS C 221 -13.14 30.21 -0.50
N ALA C 222 -13.96 29.44 -1.21
CA ALA C 222 -14.48 29.84 -2.51
C ALA C 222 -13.34 30.23 -3.43
N PHE C 223 -12.29 29.42 -3.42
CA PHE C 223 -11.13 29.66 -4.26
C PHE C 223 -11.40 29.30 -5.71
N GLU C 224 -11.14 30.23 -6.62
CA GLU C 224 -11.33 29.96 -8.04
C GLU C 224 -9.98 29.95 -8.74
N MET C 225 -9.76 28.93 -9.57
CA MET C 225 -8.51 28.79 -10.29
C MET C 225 -8.54 29.50 -11.64
N ASN C 226 -8.11 30.75 -11.67
CA ASN C 226 -8.06 31.51 -12.93
C ASN C 226 -6.77 31.25 -13.70
N GLU C 227 -6.64 31.90 -14.86
CA GLU C 227 -5.49 31.71 -15.73
C GLU C 227 -4.17 32.06 -15.06
N ASP C 228 -4.20 33.09 -14.21
CA ASP C 228 -3.01 33.55 -13.51
C ASP C 228 -2.53 32.52 -12.49
N GLN C 229 -3.47 32.00 -11.72
CA GLN C 229 -3.18 30.97 -10.73
C GLN C 229 -2.74 29.68 -11.42
N VAL C 230 -3.41 29.32 -12.51
CA VAL C 230 -3.05 28.12 -13.27
C VAL C 230 -1.66 28.23 -13.90
N LYS C 231 -1.35 29.37 -14.48
CA LYS C 231 -0.01 29.59 -15.03
C LYS C 231 1.03 29.58 -13.90
N LYS C 232 0.67 30.16 -12.76
CA LYS C 232 1.55 30.14 -11.58
C LYS C 232 1.78 28.69 -11.18
N GLY C 233 0.73 27.90 -11.23
CA GLY C 233 0.80 26.48 -10.96
C GLY C 233 1.69 25.72 -11.94
N LYS C 234 1.62 26.10 -13.21
CA LYS C 234 2.40 25.44 -14.24
C LYS C 234 3.90 25.68 -14.06
N GLU C 235 4.27 26.84 -13.54
CA GLU C 235 5.67 27.11 -13.20
C GLU C 235 6.12 26.14 -12.12
N TYR C 236 5.22 25.89 -11.17
CA TYR C 236 5.46 24.91 -10.12
C TYR C 236 5.52 23.51 -10.73
N ALA C 237 4.59 23.25 -11.64
CA ALA C 237 4.47 21.94 -12.27
C ALA C 237 5.71 21.59 -13.10
N ALA C 238 6.31 22.60 -13.71
CA ALA C 238 7.50 22.39 -14.55
C ALA C 238 8.67 21.80 -13.77
N ILE C 239 8.93 22.37 -12.59
CA ILE C 239 10.05 21.95 -11.76
C ILE C 239 9.87 20.51 -11.31
N LEU C 240 8.62 20.11 -11.08
CA LEU C 240 8.29 18.75 -10.67
C LEU C 240 8.47 17.72 -11.78
N SER C 241 8.21 18.11 -13.02
CA SER C 241 8.46 17.24 -14.16
C SER C 241 9.95 17.06 -14.37
N SER C 242 10.71 18.12 -14.13
CA SER C 242 12.16 18.09 -14.30
C SER C 242 12.88 17.35 -13.18
N SER C 243 12.15 16.97 -12.13
CA SER C 243 12.79 16.25 -11.03
C SER C 243 13.05 14.82 -11.45
N ASN C 244 14.05 14.20 -10.84
CA ASN C 244 14.39 12.82 -11.14
C ASN C 244 14.30 11.94 -9.89
N PRO C 245 13.13 11.31 -9.68
CA PRO C 245 12.82 10.52 -8.48
C PRO C 245 13.80 9.36 -8.18
N ASN C 246 14.50 8.85 -9.18
CA ASN C 246 15.45 7.75 -8.96
C ASN C 246 16.79 8.01 -9.63
N ALA C 247 17.81 8.34 -8.84
CA ALA C 247 19.12 8.66 -9.39
C ALA C 247 20.08 7.47 -9.34
N LYS C 248 20.33 6.97 -8.13
CA LYS C 248 21.29 5.89 -7.91
C LYS C 248 21.03 4.66 -8.79
N GLY C 249 19.76 4.28 -8.93
CA GLY C 249 19.39 3.12 -9.72
C GLY C 249 19.60 3.32 -11.21
N SER C 250 19.83 4.56 -11.62
CA SER C 250 19.99 4.87 -13.04
C SER C 250 21.43 5.22 -13.39
N VAL C 251 22.29 5.28 -12.38
CA VAL C 251 23.71 5.53 -12.63
C VAL C 251 24.48 4.21 -12.55
N ALA C 252 23.91 3.24 -11.85
CA ALA C 252 24.51 1.91 -11.80
C ALA C 252 24.11 1.10 -13.02
N MET C 253 22.88 1.31 -13.50
CA MET C 253 22.42 0.60 -14.68
C MET C 253 23.22 0.98 -15.91
N GLU C 254 23.48 2.27 -16.05
CA GLU C 254 24.27 2.73 -17.19
C GLU C 254 25.72 2.35 -17.02
N HIS C 255 26.16 2.17 -15.77
CA HIS C 255 27.52 1.74 -15.51
C HIS C 255 27.75 0.32 -16.01
N TYR C 256 26.71 -0.51 -15.96
CA TYR C 256 26.80 -1.89 -16.45
C TYR C 256 26.08 -2.09 -17.78
N SER C 257 25.66 -1.01 -18.41
CA SER C 257 24.78 -1.09 -19.58
C SER C 257 25.34 -1.92 -20.73
N GLU C 258 26.65 -1.90 -20.93
CA GLU C 258 27.26 -2.70 -21.99
C GLU C 258 26.93 -4.18 -21.79
N THR C 259 27.09 -4.65 -20.56
CA THR C 259 26.82 -6.05 -20.27
C THR C 259 25.33 -6.31 -20.12
N LEU C 260 24.61 -5.39 -19.47
CA LEU C 260 23.17 -5.48 -19.31
C LEU C 260 22.44 -5.64 -20.64
N ASN C 261 22.82 -4.81 -21.61
CA ASN C 261 22.13 -4.80 -22.89
C ASN C 261 22.38 -6.04 -23.70
N LYS C 262 23.53 -6.68 -23.47
CA LYS C 262 23.84 -7.92 -24.17
C LYS C 262 22.89 -9.03 -23.72
N PHE C 263 22.44 -8.94 -22.47
CA PHE C 263 21.46 -9.88 -21.92
C PHE C 263 20.04 -9.53 -22.35
N TYR C 264 19.77 -8.23 -22.49
CA TYR C 264 18.47 -7.79 -22.97
C TYR C 264 18.21 -8.37 -24.34
N GLU C 265 19.25 -8.38 -25.17
CA GLU C 265 19.13 -8.81 -26.55
C GLU C 265 18.85 -10.30 -26.69
N MET C 266 19.48 -11.12 -25.85
CA MET C 266 19.20 -12.55 -25.86
C MET C 266 17.73 -12.81 -25.54
N PHE C 267 17.21 -12.08 -24.56
CA PHE C 267 15.81 -12.13 -24.25
C PHE C 267 15.05 -11.41 -25.34
N GLY C 268 13.72 -11.52 -25.32
CA GLY C 268 12.90 -10.76 -26.26
C GLY C 268 13.22 -9.28 -26.12
N VAL C 269 13.25 -8.57 -27.25
CA VAL C 269 13.55 -7.12 -27.38
C VAL C 269 15.03 -6.72 -27.16
N LYS C 270 15.42 -5.62 -27.84
CA LYS C 270 16.81 -5.19 -27.92
C LYS C 270 16.98 -3.79 -27.34
N LYS C 271 17.94 -3.67 -26.43
CA LYS C 271 18.07 -2.44 -25.67
C LYS C 271 18.88 -1.41 -26.44
#